data_8EG5
#
_entry.id   8EG5
#
_cell.length_a   84.770
_cell.length_b   60.880
_cell.length_c   101.260
_cell.angle_alpha   90.000
_cell.angle_beta   91.410
_cell.angle_gamma   90.000
#
_symmetry.space_group_name_H-M   'P 1 21 1'
#
loop_
_entity.id
_entity.type
_entity.pdbx_description
1 polymer 'Caspase-6 subunit p18'
2 polymer 'Caspase-6 subunit p11'
3 non-polymer '(3R,5S)-1-(ethanesulfonyl)-5-phenyl-N-[4-(trifluoromethoxy)phenyl]piperidine-3-carboxamide (bound form)'
4 non-polymer 1,2-ETHANEDIOL
5 water water
#
loop_
_entity_poly.entity_id
_entity_poly.type
_entity_poly.pdbx_seq_one_letter_code
_entity_poly.pdbx_strand_id
1 'polypeptide(L)'
;MFDPAEKYKMDHRRRGIALIFNHERFFWHLTLPERRGTCADRDNLTRRFSDLGFEVKCFNDLKAEELLLKIHEVSTVSHA
DADCFVCVFLSHGEGNHIYAYDAKIEIQTLTGLFKGDKCHSLVGKPKIFIIQACRGNQHDVPVIPLDVVD
;
A,C,E,G
2 'polypeptide(L)'
;MAASVYTLPAGADFLMCYSVAEGYYSHRETVNGSWYIQDLCEMLGKYGSSLEFTELLTLVNRKVSQRRVDFCKDPSAIGK
KQVPCFASMLTKKLHFFPKSNLEHHHHHH
;
B,D,F,H
#
# COMPACT_ATOMS: atom_id res chain seq x y z
N MET A 1 -23.94 33.08 -15.92
CA MET A 1 -25.14 32.35 -15.43
C MET A 1 -24.85 30.84 -15.44
N PHE A 2 -25.42 30.10 -14.48
CA PHE A 2 -25.09 28.66 -14.23
C PHE A 2 -26.16 27.76 -14.84
N ASP A 3 -25.84 27.06 -15.94
CA ASP A 3 -26.80 26.21 -16.70
C ASP A 3 -26.64 24.75 -16.28
N PRO A 4 -27.59 24.19 -15.51
CA PRO A 4 -27.49 22.79 -15.07
C PRO A 4 -27.50 21.77 -16.22
N ALA A 5 -27.96 22.17 -17.42
CA ALA A 5 -28.08 21.31 -18.62
C ALA A 5 -26.86 21.46 -19.51
N GLU A 6 -25.80 22.14 -19.05
CA GLU A 6 -24.59 22.41 -19.89
C GLU A 6 -23.95 21.07 -20.29
N LYS A 7 -23.64 20.92 -21.58
CA LYS A 7 -23.01 19.75 -22.21
C LYS A 7 -21.58 20.13 -22.61
N TYR A 8 -20.68 19.15 -22.68
CA TYR A 8 -19.35 19.34 -23.33
C TYR A 8 -19.61 19.71 -24.79
N LYS A 9 -18.83 20.66 -25.30
CA LYS A 9 -18.75 21.02 -26.73
C LYS A 9 -18.31 19.77 -27.53
N MET A 10 -19.15 19.28 -28.43
CA MET A 10 -18.91 18.00 -29.17
C MET A 10 -19.17 18.23 -30.67
N ASP A 11 -18.83 19.43 -31.17
CA ASP A 11 -19.06 19.85 -32.58
C ASP A 11 -17.70 20.18 -33.21
N HIS A 12 -16.62 19.55 -32.74
CA HIS A 12 -15.26 19.67 -33.34
C HIS A 12 -15.25 18.86 -34.63
N ARG A 13 -14.27 19.11 -35.50
CA ARG A 13 -14.11 18.41 -36.81
C ARG A 13 -14.13 16.89 -36.61
N ARG A 14 -13.45 16.39 -35.56
CA ARG A 14 -13.29 14.94 -35.27
C ARG A 14 -13.89 14.62 -33.90
N ARG A 15 -14.41 13.40 -33.72
CA ARG A 15 -14.78 12.88 -32.39
C ARG A 15 -13.50 12.76 -31.55
N GLY A 16 -12.48 12.13 -32.11
CA GLY A 16 -11.18 11.93 -31.45
C GLY A 16 -10.73 10.49 -31.52
N ILE A 17 -9.66 10.17 -30.81
CA ILE A 17 -8.98 8.85 -30.81
C ILE A 17 -9.58 7.99 -29.68
N ALA A 18 -9.83 6.72 -29.97
CA ALA A 18 -10.03 5.66 -28.96
C ALA A 18 -8.84 4.69 -29.06
N LEU A 19 -7.94 4.75 -28.07
CA LEU A 19 -6.78 3.82 -27.91
C LEU A 19 -7.25 2.56 -27.19
N ILE A 20 -7.03 1.37 -27.77
CA ILE A 20 -7.36 0.05 -27.13
C ILE A 20 -6.05 -0.74 -26.96
N PHE A 21 -5.66 -1.00 -25.73
CA PHE A 21 -4.53 -1.89 -25.38
C PHE A 21 -5.13 -3.24 -24.98
N ASN A 22 -4.95 -4.24 -25.84
CA ASN A 22 -5.58 -5.57 -25.72
C ASN A 22 -4.49 -6.59 -25.35
N HIS A 23 -4.60 -7.21 -24.18
CA HIS A 23 -3.58 -8.14 -23.61
C HIS A 23 -4.26 -9.50 -23.45
N GLU A 24 -3.91 -10.47 -24.30
CA GLU A 24 -4.48 -11.84 -24.24
C GLU A 24 -3.52 -12.75 -23.46
N ARG A 25 -2.22 -12.64 -23.72
CA ARG A 25 -1.16 -13.52 -23.16
C ARG A 25 -0.12 -12.65 -22.47
N PHE A 26 0.60 -13.23 -21.51
CA PHE A 26 1.60 -12.51 -20.70
C PHE A 26 2.91 -13.29 -20.68
N PHE A 27 4.02 -12.56 -20.54
CA PHE A 27 5.38 -13.09 -20.36
C PHE A 27 5.32 -14.20 -19.32
N TRP A 28 5.82 -15.38 -19.69
CA TRP A 28 5.62 -16.67 -18.97
C TRP A 28 5.92 -16.50 -17.48
N HIS A 29 6.98 -15.75 -17.14
CA HIS A 29 7.51 -15.60 -15.76
C HIS A 29 6.63 -14.66 -14.92
N LEU A 30 5.58 -14.07 -15.47
CA LEU A 30 4.57 -13.28 -14.69
C LEU A 30 3.56 -14.23 -14.05
N THR A 31 3.42 -15.45 -14.56
CA THR A 31 2.45 -16.49 -14.12
C THR A 31 1.06 -15.84 -14.05
N LEU A 32 0.59 -15.30 -15.17
CA LEU A 32 -0.75 -14.64 -15.28
C LEU A 32 -1.60 -15.47 -16.24
N PRO A 33 -2.87 -15.74 -15.88
CA PRO A 33 -3.75 -16.50 -16.76
C PRO A 33 -3.99 -15.77 -18.09
N GLU A 34 -4.11 -16.54 -19.18
CA GLU A 34 -4.43 -16.05 -20.54
C GLU A 34 -5.84 -15.47 -20.49
N ARG A 35 -6.12 -14.44 -21.27
CA ARG A 35 -7.43 -13.72 -21.28
C ARG A 35 -8.13 -14.06 -22.60
N ARG A 36 -8.41 -15.35 -22.79
CA ARG A 36 -9.09 -15.88 -24.01
C ARG A 36 -10.48 -15.23 -24.11
N GLY A 37 -10.79 -14.64 -25.26
CA GLY A 37 -12.06 -13.92 -25.50
C GLY A 37 -11.89 -12.42 -25.50
N THR A 38 -10.72 -11.91 -25.07
CA THR A 38 -10.41 -10.45 -25.09
C THR A 38 -10.50 -9.90 -26.52
N CYS A 39 -10.14 -10.69 -27.54
CA CYS A 39 -10.17 -10.22 -28.96
C CYS A 39 -11.62 -9.93 -29.39
N ALA A 40 -12.62 -10.69 -28.93
CA ALA A 40 -14.05 -10.39 -29.11
C ALA A 40 -14.38 -9.03 -28.46
N ASP A 41 -13.92 -8.79 -27.24
CA ASP A 41 -14.08 -7.49 -26.53
C ASP A 41 -13.45 -6.36 -27.37
N ARG A 42 -12.23 -6.57 -27.87
CA ARG A 42 -11.49 -5.54 -28.66
C ARG A 42 -12.31 -5.18 -29.91
N ASP A 43 -12.74 -6.20 -30.66
CA ASP A 43 -13.50 -6.06 -31.94
C ASP A 43 -14.83 -5.37 -31.67
N ASN A 44 -15.53 -5.79 -30.61
CA ASN A 44 -16.85 -5.27 -30.19
C ASN A 44 -16.72 -3.77 -29.86
N LEU A 45 -15.73 -3.41 -29.04
CA LEU A 45 -15.42 -1.99 -28.69
C LEU A 45 -15.03 -1.20 -29.94
N THR A 46 -14.31 -1.82 -30.89
CA THR A 46 -13.84 -1.18 -32.14
C THR A 46 -15.06 -0.78 -32.98
N ARG A 47 -16.02 -1.69 -33.17
CA ARG A 47 -17.25 -1.42 -33.96
C ARG A 47 -18.03 -0.28 -33.30
N ARG A 48 -18.27 -0.40 -31.99
CA ARG A 48 -19.15 0.53 -31.23
C ARG A 48 -18.54 1.92 -31.22
N PHE A 49 -17.24 2.06 -30.93
CA PHE A 49 -16.59 3.39 -30.88
C PHE A 49 -16.46 3.98 -32.28
N SER A 50 -16.20 3.14 -33.30
CA SER A 50 -16.17 3.58 -34.72
C SER A 50 -17.53 4.18 -35.12
N ASP A 51 -18.63 3.55 -34.72
CA ASP A 51 -20.01 4.03 -35.06
C ASP A 51 -20.29 5.36 -34.35
N LEU A 52 -19.59 5.68 -33.26
CA LEU A 52 -19.76 6.98 -32.54
C LEU A 52 -18.79 8.03 -33.08
N GLY A 53 -18.00 7.71 -34.11
CA GLY A 53 -17.16 8.67 -34.83
C GLY A 53 -15.69 8.64 -34.42
N PHE A 54 -15.29 7.77 -33.49
CA PHE A 54 -13.89 7.67 -32.99
C PHE A 54 -12.98 7.06 -34.07
N GLU A 55 -11.74 7.55 -34.13
CA GLU A 55 -10.59 6.91 -34.83
C GLU A 55 -10.03 5.85 -33.88
N VAL A 56 -10.34 4.58 -34.11
CA VAL A 56 -9.99 3.50 -33.15
C VAL A 56 -8.59 2.99 -33.51
N LYS A 57 -7.68 2.99 -32.55
CA LYS A 57 -6.28 2.50 -32.72
C LYS A 57 -6.06 1.38 -31.73
N CYS A 58 -5.94 0.14 -32.22
CA CYS A 58 -5.78 -1.09 -31.39
CA CYS A 58 -5.78 -1.08 -31.39
C CYS A 58 -4.31 -1.54 -31.40
N PHE A 59 -3.81 -2.00 -30.26
CA PHE A 59 -2.44 -2.56 -30.07
C PHE A 59 -2.56 -3.83 -29.22
N ASN A 60 -2.04 -4.96 -29.72
CA ASN A 60 -2.17 -6.28 -29.06
C ASN A 60 -0.84 -6.66 -28.38
N ASP A 61 -0.92 -7.04 -27.10
CA ASP A 61 0.18 -7.64 -26.30
C ASP A 61 1.44 -6.78 -26.37
N LEU A 62 1.34 -5.45 -26.31
CA LEU A 62 2.52 -4.55 -26.24
C LEU A 62 3.26 -4.80 -24.92
N LYS A 63 4.59 -4.79 -24.99
CA LYS A 63 5.49 -4.72 -23.81
C LYS A 63 5.48 -3.28 -23.29
N ALA A 64 5.90 -3.09 -22.04
CA ALA A 64 5.83 -1.81 -21.30
C ALA A 64 6.44 -0.68 -22.15
N GLU A 65 7.60 -0.90 -22.75
CA GLU A 65 8.30 0.13 -23.54
C GLU A 65 7.42 0.60 -24.70
N GLU A 66 6.86 -0.35 -25.45
CA GLU A 66 6.02 -0.09 -26.65
C GLU A 66 4.75 0.66 -26.23
N LEU A 67 4.06 0.17 -25.21
CA LEU A 67 2.80 0.77 -24.68
C LEU A 67 3.07 2.21 -24.26
N LEU A 68 4.15 2.44 -23.52
CA LEU A 68 4.52 3.78 -23.00
C LEU A 68 4.88 4.73 -24.15
N LEU A 69 5.59 4.25 -25.17
CA LEU A 69 5.92 5.03 -26.39
C LEU A 69 4.61 5.41 -27.09
N LYS A 70 3.74 4.43 -27.35
CA LYS A 70 2.50 4.63 -28.14
C LYS A 70 1.61 5.64 -27.42
N ILE A 71 1.38 5.47 -26.10
CA ILE A 71 0.44 6.35 -25.36
C ILE A 71 1.08 7.74 -25.19
N HIS A 72 2.38 7.84 -24.96
CA HIS A 72 3.08 9.15 -24.93
C HIS A 72 2.86 9.88 -26.25
N GLU A 73 3.02 9.17 -27.38
CA GLU A 73 2.85 9.69 -28.76
C GLU A 73 1.45 10.34 -28.88
N VAL A 74 0.39 9.59 -28.56
CA VAL A 74 -1.02 10.07 -28.66
C VAL A 74 -1.24 11.27 -27.74
N SER A 75 -0.59 11.30 -26.58
CA SER A 75 -0.68 12.42 -25.60
C SER A 75 -0.03 13.69 -26.18
N THR A 76 0.91 13.57 -27.13
CA THR A 76 1.71 14.70 -27.64
C THR A 76 1.21 15.17 -29.02
N VAL A 77 0.33 14.42 -29.70
CA VAL A 77 -0.35 14.92 -30.92
C VAL A 77 -1.44 15.89 -30.50
N SER A 78 -1.81 16.81 -31.39
CA SER A 78 -2.87 17.81 -31.17
C SER A 78 -4.24 17.12 -31.21
N HIS A 79 -5.06 17.36 -30.18
CA HIS A 79 -6.48 16.95 -30.08
C HIS A 79 -7.38 18.18 -30.22
N ALA A 80 -6.82 19.31 -30.67
CA ALA A 80 -7.48 20.64 -30.68
C ALA A 80 -8.75 20.58 -31.54
N ASP A 81 -8.76 19.77 -32.61
CA ASP A 81 -9.93 19.60 -33.51
C ASP A 81 -10.68 18.29 -33.16
N ALA A 82 -10.55 17.78 -31.93
CA ALA A 82 -11.22 16.57 -31.44
C ALA A 82 -12.15 16.92 -30.27
N ASP A 83 -13.26 16.19 -30.14
CA ASP A 83 -14.26 16.35 -29.04
C ASP A 83 -13.67 15.82 -27.74
N CYS A 84 -13.00 14.68 -27.79
CA CYS A 84 -12.61 13.96 -26.56
C CYS A 84 -11.52 12.94 -26.84
N PHE A 85 -11.07 12.25 -25.80
CA PHE A 85 -10.07 11.16 -25.85
C PHE A 85 -10.59 9.95 -25.07
N VAL A 86 -10.52 8.76 -25.67
CA VAL A 86 -10.90 7.45 -25.05
C VAL A 86 -9.66 6.55 -25.04
N CYS A 87 -9.38 5.90 -23.91
CA CYS A 87 -8.27 4.93 -23.74
C CYS A 87 -8.78 3.67 -23.03
N VAL A 88 -8.73 2.52 -23.68
CA VAL A 88 -9.22 1.22 -23.13
C VAL A 88 -8.02 0.32 -22.80
N PHE A 89 -7.99 -0.24 -21.58
CA PHE A 89 -7.06 -1.32 -21.18
C PHE A 89 -7.86 -2.61 -20.95
N LEU A 90 -7.55 -3.63 -21.73
CA LEU A 90 -8.07 -5.01 -21.57
C LEU A 90 -6.89 -5.88 -21.12
N SER A 91 -6.78 -6.13 -19.81
CA SER A 91 -5.58 -6.78 -19.21
C SER A 91 -5.88 -7.22 -17.78
N HIS A 92 -4.84 -7.69 -17.08
CA HIS A 92 -4.81 -7.89 -15.61
C HIS A 92 -4.27 -6.61 -14.95
N GLY A 93 -4.60 -6.41 -13.67
CA GLY A 93 -4.09 -5.29 -12.86
C GLY A 93 -3.58 -5.77 -11.52
N GLU A 94 -2.94 -4.87 -10.76
CA GLU A 94 -2.47 -5.09 -9.37
C GLU A 94 -2.42 -3.71 -8.71
N GLY A 95 -3.21 -3.49 -7.65
CA GLY A 95 -3.35 -2.17 -7.02
C GLY A 95 -3.66 -1.09 -8.05
N ASN A 96 -2.79 -0.09 -8.17
CA ASN A 96 -2.96 1.06 -9.10
C ASN A 96 -2.10 0.84 -10.34
N HIS A 97 -1.93 -0.42 -10.74
CA HIS A 97 -1.06 -0.86 -11.88
C HIS A 97 -1.91 -1.64 -12.87
N ILE A 98 -1.61 -1.47 -14.16
CA ILE A 98 -2.13 -2.30 -15.30
C ILE A 98 -0.93 -3.09 -15.83
N TYR A 99 -1.15 -4.34 -16.25
CA TYR A 99 -0.08 -5.20 -16.82
C TYR A 99 0.03 -4.93 -18.33
N ALA A 100 1.25 -4.66 -18.81
CA ALA A 100 1.66 -4.83 -20.22
C ALA A 100 2.02 -6.32 -20.40
N TYR A 101 2.66 -6.70 -21.50
CA TYR A 101 2.98 -8.12 -21.76
C TYR A 101 3.95 -8.64 -20.69
N ASP A 102 4.91 -7.79 -20.28
CA ASP A 102 6.14 -8.20 -19.57
C ASP A 102 6.21 -7.64 -18.15
N ALA A 103 5.43 -6.63 -17.82
CA ALA A 103 5.56 -5.91 -16.54
C ALA A 103 4.31 -5.06 -16.28
N LYS A 104 4.18 -4.57 -15.05
CA LYS A 104 3.05 -3.70 -14.66
C LYS A 104 3.49 -2.24 -14.75
N ILE A 105 2.52 -1.37 -15.05
CA ILE A 105 2.71 0.11 -15.17
C ILE A 105 1.72 0.78 -14.20
N GLU A 106 2.19 1.78 -13.47
CA GLU A 106 1.35 2.66 -12.61
C GLU A 106 0.31 3.36 -13.49
N ILE A 107 -0.98 3.15 -13.22
CA ILE A 107 -2.11 3.73 -14.03
C ILE A 107 -1.95 5.26 -14.04
N GLN A 108 -1.50 5.85 -12.93
CA GLN A 108 -1.32 7.33 -12.75
C GLN A 108 -0.25 7.85 -13.73
N THR A 109 0.74 7.03 -14.11
CA THR A 109 1.74 7.40 -15.15
CA THR A 109 1.74 7.40 -15.15
C THR A 109 1.01 7.59 -16.49
N LEU A 110 0.00 6.76 -16.76
CA LEU A 110 -0.72 6.74 -18.06
C LEU A 110 -1.75 7.86 -18.15
N THR A 111 -2.59 8.03 -17.11
CA THR A 111 -3.60 9.12 -17.06
C THR A 111 -2.90 10.47 -16.94
N GLY A 112 -1.76 10.52 -16.24
CA GLY A 112 -0.95 11.73 -16.03
C GLY A 112 -0.52 12.41 -17.31
N LEU A 113 -0.33 11.65 -18.40
CA LEU A 113 0.05 12.16 -19.75
C LEU A 113 -1.06 13.06 -20.32
N PHE A 114 -2.30 12.94 -19.83
CA PHE A 114 -3.50 13.61 -20.42
C PHE A 114 -4.03 14.67 -19.45
N LYS A 115 -3.39 14.87 -18.30
CA LYS A 115 -3.72 15.98 -17.39
C LYS A 115 -3.45 17.31 -18.12
N GLY A 116 -4.18 18.36 -17.74
CA GLY A 116 -4.22 19.63 -18.47
C GLY A 116 -2.84 20.25 -18.66
N ASP A 117 -1.94 20.08 -17.68
CA ASP A 117 -0.58 20.67 -17.69
C ASP A 117 0.34 19.87 -18.63
N LYS A 118 -0.01 18.63 -18.98
CA LYS A 118 0.81 17.79 -19.91
C LYS A 118 0.19 17.78 -21.32
N CYS A 119 -1.12 17.98 -21.45
CA CYS A 119 -1.86 17.82 -22.74
C CYS A 119 -2.83 18.99 -22.92
N HIS A 120 -2.33 20.13 -23.40
CA HIS A 120 -3.07 21.41 -23.41
C HIS A 120 -4.27 21.31 -24.35
N SER A 121 -4.15 20.57 -25.44
CA SER A 121 -5.22 20.46 -26.47
C SER A 121 -6.41 19.62 -25.96
N LEU A 122 -6.30 18.91 -24.83
CA LEU A 122 -7.46 18.20 -24.23
C LEU A 122 -8.01 18.96 -22.99
N VAL A 123 -7.47 20.13 -22.66
CA VAL A 123 -8.02 20.97 -21.55
C VAL A 123 -9.46 21.35 -21.91
N GLY A 124 -10.39 21.13 -20.98
CA GLY A 124 -11.82 21.42 -21.16
C GLY A 124 -12.56 20.26 -21.81
N LYS A 125 -11.87 19.18 -22.18
CA LYS A 125 -12.45 18.06 -22.96
C LYS A 125 -12.40 16.77 -22.14
N PRO A 126 -13.41 15.88 -22.30
CA PRO A 126 -13.44 14.62 -21.57
C PRO A 126 -12.28 13.69 -21.91
N LYS A 127 -11.62 13.17 -20.88
CA LYS A 127 -10.61 12.07 -21.00
C LYS A 127 -11.21 10.84 -20.31
N ILE A 128 -11.60 9.86 -21.10
CA ILE A 128 -12.37 8.66 -20.63
C ILE A 128 -11.42 7.47 -20.65
N PHE A 129 -11.13 6.89 -19.49
CA PHE A 129 -10.37 5.63 -19.34
C PHE A 129 -11.34 4.50 -19.00
N ILE A 130 -11.27 3.42 -19.78
CA ILE A 130 -12.07 2.19 -19.56
C ILE A 130 -11.09 1.05 -19.26
N ILE A 131 -11.26 0.38 -18.12
CA ILE A 131 -10.34 -0.69 -17.63
C ILE A 131 -11.15 -1.94 -17.25
N GLN A 132 -11.08 -2.95 -18.13
CA GLN A 132 -11.47 -4.37 -17.88
C GLN A 132 -10.27 -5.07 -17.24
N ALA A 133 -10.26 -5.15 -15.91
CA ALA A 133 -9.23 -5.81 -15.08
C ALA A 133 -9.86 -6.10 -13.72
N CYS A 134 -9.49 -7.22 -13.09
CA CYS A 134 -9.82 -7.54 -11.67
C CYS A 134 -9.11 -6.49 -10.81
N ARG A 135 -9.71 -6.15 -9.66
CA ARG A 135 -9.14 -5.14 -8.73
C ARG A 135 -8.91 -5.76 -7.34
N GLY A 136 -8.82 -7.10 -7.28
CA GLY A 136 -8.55 -7.84 -6.03
C GLY A 136 -8.91 -9.30 -6.16
N ASN A 137 -9.12 -9.98 -5.03
CA ASN A 137 -9.27 -11.47 -4.99
C ASN A 137 -10.55 -11.84 -4.25
N GLN A 138 -11.55 -10.94 -4.20
CA GLN A 138 -12.86 -11.22 -3.55
C GLN A 138 -13.95 -11.34 -4.63
N HIS A 139 -14.75 -12.41 -4.54
CA HIS A 139 -15.99 -12.60 -5.32
C HIS A 139 -17.13 -11.85 -4.60
N ASP A 140 -17.93 -11.09 -5.34
CA ASP A 140 -19.16 -10.50 -4.77
C ASP A 140 -20.24 -11.58 -4.72
N VAL A 141 -21.09 -11.56 -3.68
CA VAL A 141 -22.07 -12.65 -3.37
C VAL A 141 -23.47 -12.17 -3.79
N PRO A 142 -24.34 -13.09 -4.23
CA PRO A 142 -25.70 -12.74 -4.65
C PRO A 142 -26.63 -12.47 -3.45
N VAL A 143 -27.56 -11.53 -3.63
CA VAL A 143 -28.57 -11.16 -2.61
C VAL A 143 -29.88 -10.83 -3.33
N ILE A 144 -30.99 -10.84 -2.60
CA ILE A 144 -32.35 -10.52 -3.12
C ILE A 144 -32.97 -9.45 -2.25
N PRO A 145 -33.75 -8.51 -2.81
CA PRO A 145 -34.44 -7.51 -1.99
C PRO A 145 -35.34 -8.15 -0.93
N LEU A 146 -35.46 -7.51 0.24
CA LEU A 146 -36.43 -7.87 1.30
C LEU A 146 -37.82 -7.50 0.77
N ASP A 147 -38.75 -8.46 0.63
CA ASP A 147 -40.03 -8.27 -0.11
C ASP A 147 -40.82 -7.08 0.47
N SER B 4 -14.61 30.05 -18.42
CA SER B 4 -14.29 31.14 -19.39
C SER B 4 -13.51 32.27 -18.67
N VAL B 5 -13.99 32.68 -17.49
CA VAL B 5 -13.31 33.63 -16.58
C VAL B 5 -12.39 32.84 -15.64
N TYR B 6 -12.72 31.57 -15.38
CA TYR B 6 -12.06 30.70 -14.38
C TYR B 6 -11.03 29.77 -15.03
N THR B 7 -10.03 29.36 -14.26
CA THR B 7 -9.08 28.27 -14.60
C THR B 7 -9.70 26.92 -14.22
N LEU B 8 -9.21 25.84 -14.83
CA LEU B 8 -9.62 24.44 -14.53
C LEU B 8 -8.52 23.74 -13.74
N PRO B 9 -8.89 22.79 -12.84
CA PRO B 9 -7.91 21.89 -12.26
C PRO B 9 -7.39 21.04 -13.42
N ALA B 10 -6.12 20.65 -13.36
CA ALA B 10 -5.46 19.83 -14.41
C ALA B 10 -6.05 18.41 -14.40
N GLY B 11 -6.66 17.99 -13.27
CA GLY B 11 -7.25 16.66 -13.06
C GLY B 11 -8.74 16.60 -13.38
N ALA B 12 -9.34 17.72 -13.79
CA ALA B 12 -10.78 17.82 -14.13
C ALA B 12 -11.06 17.13 -15.47
N ASP B 13 -12.32 16.73 -15.68
CA ASP B 13 -12.86 16.20 -16.96
C ASP B 13 -12.25 14.82 -17.26
N PHE B 14 -11.88 14.09 -16.20
CA PHE B 14 -11.51 12.65 -16.30
C PHE B 14 -12.72 11.82 -15.89
N LEU B 15 -12.93 10.72 -16.60
CA LEU B 15 -13.93 9.67 -16.26
C LEU B 15 -13.21 8.33 -16.33
N MET B 16 -13.06 7.68 -15.17
CA MET B 16 -12.45 6.34 -15.04
C MET B 16 -13.59 5.31 -14.93
N CYS B 17 -13.71 4.43 -15.92
CA CYS B 17 -14.78 3.40 -15.99
C CYS B 17 -14.14 2.03 -15.76
N TYR B 18 -14.46 1.40 -14.63
CA TYR B 18 -13.87 0.11 -14.19
C TYR B 18 -14.93 -1.00 -14.35
N SER B 19 -14.46 -2.20 -14.69
CA SER B 19 -15.29 -3.42 -14.81
C SER B 19 -15.83 -3.82 -13.43
N VAL B 20 -15.12 -3.46 -12.36
CA VAL B 20 -15.49 -3.90 -10.98
C VAL B 20 -15.02 -2.83 -9.99
N ALA B 21 -15.62 -2.80 -8.80
CA ALA B 21 -15.19 -1.92 -7.69
C ALA B 21 -13.89 -2.47 -7.13
N GLU B 22 -13.12 -1.63 -6.46
CA GLU B 22 -11.80 -1.98 -5.85
C GLU B 22 -11.98 -3.21 -4.95
N GLY B 23 -11.06 -4.17 -5.02
CA GLY B 23 -11.00 -5.34 -4.14
C GLY B 23 -11.71 -6.59 -4.69
N TYR B 24 -12.34 -6.52 -5.86
CA TYR B 24 -13.18 -7.64 -6.39
C TYR B 24 -12.62 -8.21 -7.70
N TYR B 25 -12.94 -9.48 -7.96
CA TYR B 25 -12.75 -10.18 -9.26
C TYR B 25 -13.82 -9.72 -10.27
N SER B 26 -13.42 -9.58 -11.54
CA SER B 26 -14.30 -9.41 -12.72
C SER B 26 -14.49 -10.76 -13.42
N HIS B 27 -15.52 -10.90 -14.24
CA HIS B 27 -15.94 -12.21 -14.80
C HIS B 27 -16.13 -12.09 -16.32
N ARG B 28 -16.32 -13.24 -16.97
CA ARG B 28 -16.39 -13.38 -18.45
C ARG B 28 -17.28 -14.57 -18.81
N GLU B 29 -17.84 -14.57 -20.02
CA GLU B 29 -18.39 -15.79 -20.67
C GLU B 29 -17.21 -16.65 -21.14
N THR B 30 -17.46 -17.90 -21.48
CA THR B 30 -16.44 -18.93 -21.82
C THR B 30 -15.35 -18.29 -22.70
N VAL B 31 -15.70 -17.83 -23.90
CA VAL B 31 -14.76 -17.24 -24.90
C VAL B 31 -15.40 -16.04 -25.61
N ASN B 32 -16.61 -15.62 -25.23
CA ASN B 32 -17.39 -14.54 -25.90
C ASN B 32 -16.98 -13.15 -25.37
N GLY B 33 -16.07 -13.09 -24.38
CA GLY B 33 -15.57 -11.83 -23.81
C GLY B 33 -16.02 -11.60 -22.37
N SER B 34 -15.62 -10.47 -21.82
CA SER B 34 -15.89 -10.08 -20.42
C SER B 34 -17.36 -9.68 -20.29
N TRP B 35 -17.94 -9.88 -19.10
CA TRP B 35 -19.29 -9.38 -18.74
C TRP B 35 -19.38 -7.89 -19.06
N TYR B 36 -18.43 -7.13 -18.51
CA TYR B 36 -18.45 -5.63 -18.52
C TYR B 36 -18.41 -5.12 -19.96
N ILE B 37 -17.45 -5.57 -20.75
CA ILE B 37 -17.26 -5.01 -22.13
C ILE B 37 -18.45 -5.42 -23.01
N GLN B 38 -18.97 -6.64 -22.82
CA GLN B 38 -20.15 -7.16 -23.58
C GLN B 38 -21.35 -6.23 -23.34
N ASP B 39 -21.64 -5.97 -22.07
CA ASP B 39 -22.78 -5.13 -21.62
C ASP B 39 -22.50 -3.66 -21.98
N LEU B 40 -21.26 -3.19 -21.79
CA LEU B 40 -20.89 -1.82 -22.24
C LEU B 40 -21.22 -1.68 -23.74
N CYS B 41 -20.80 -2.65 -24.55
CA CYS B 41 -20.91 -2.56 -26.01
C CYS B 41 -22.39 -2.63 -26.42
N GLU B 42 -23.18 -3.50 -25.78
CA GLU B 42 -24.63 -3.61 -26.03
C GLU B 42 -25.28 -2.24 -25.76
N MET B 43 -25.02 -1.64 -24.60
CA MET B 43 -25.57 -0.31 -24.26
C MET B 43 -25.05 0.75 -25.25
N LEU B 44 -23.78 0.71 -25.64
CA LEU B 44 -23.25 1.64 -26.68
C LEU B 44 -24.03 1.48 -28.00
N GLY B 45 -24.36 0.24 -28.39
CA GLY B 45 -25.10 -0.04 -29.63
C GLY B 45 -26.50 0.55 -29.61
N LYS B 46 -27.21 0.37 -28.50
CA LYS B 46 -28.61 0.82 -28.32
C LYS B 46 -28.67 2.32 -28.02
N TYR B 47 -27.77 2.83 -27.16
CA TYR B 47 -27.96 4.14 -26.47
C TYR B 47 -26.76 5.08 -26.66
N GLY B 48 -25.63 4.62 -27.21
CA GLY B 48 -24.38 5.40 -27.27
C GLY B 48 -24.58 6.79 -27.85
N SER B 49 -25.43 6.90 -28.88
CA SER B 49 -25.60 8.12 -29.72
C SER B 49 -26.68 9.05 -29.16
N SER B 50 -27.41 8.66 -28.11
CA SER B 50 -28.53 9.45 -27.52
C SER B 50 -28.32 9.76 -26.03
N LEU B 51 -28.07 8.75 -25.18
CA LEU B 51 -28.07 8.92 -23.70
C LEU B 51 -26.80 9.63 -23.24
N GLU B 52 -26.90 10.30 -22.09
CA GLU B 52 -25.74 10.89 -21.38
C GLU B 52 -24.83 9.72 -20.97
N PHE B 53 -23.52 9.86 -21.14
CA PHE B 53 -22.59 8.70 -21.05
C PHE B 53 -22.63 8.04 -19.66
N THR B 54 -22.65 8.82 -18.58
CA THR B 54 -22.69 8.27 -17.18
C THR B 54 -24.04 7.58 -16.94
N GLU B 55 -25.09 8.12 -17.56
CA GLU B 55 -26.47 7.55 -17.55
C GLU B 55 -26.42 6.17 -18.21
N LEU B 56 -25.70 6.07 -19.34
CA LEU B 56 -25.42 4.80 -20.04
C LEU B 56 -24.56 3.88 -19.16
N LEU B 57 -23.50 4.38 -18.54
CA LEU B 57 -22.64 3.52 -17.66
C LEU B 57 -23.46 2.96 -16.48
N THR B 58 -24.52 3.64 -16.07
CA THR B 58 -25.42 3.19 -14.97
C THR B 58 -26.24 1.99 -15.46
N LEU B 59 -26.73 2.04 -16.70
CA LEU B 59 -27.40 0.91 -17.38
C LEU B 59 -26.44 -0.27 -17.48
N VAL B 60 -25.17 -0.02 -17.80
CA VAL B 60 -24.10 -1.05 -17.83
C VAL B 60 -24.01 -1.68 -16.44
N ASN B 61 -24.00 -0.87 -15.39
CA ASN B 61 -23.95 -1.38 -13.99
C ASN B 61 -25.15 -2.31 -13.72
N ARG B 62 -26.36 -1.95 -14.16
CA ARG B 62 -27.57 -2.76 -13.93
C ARG B 62 -27.46 -4.07 -14.72
N LYS B 63 -27.00 -4.01 -15.97
CA LYS B 63 -26.91 -5.20 -16.83
C LYS B 63 -25.91 -6.19 -16.22
N VAL B 64 -24.73 -5.71 -15.84
CA VAL B 64 -23.66 -6.59 -15.27
C VAL B 64 -24.13 -7.18 -13.94
N SER B 65 -24.88 -6.40 -13.14
CA SER B 65 -25.42 -6.82 -11.81
CA SER B 65 -25.43 -6.82 -11.81
C SER B 65 -26.40 -8.00 -11.96
N GLN B 66 -26.98 -8.20 -13.14
CA GLN B 66 -27.99 -9.26 -13.42
C GLN B 66 -27.31 -10.60 -13.68
N ARG B 67 -26.02 -10.60 -14.02
CA ARG B 67 -25.27 -11.83 -14.39
C ARG B 67 -24.88 -12.66 -13.14
N ARG B 68 -24.66 -13.95 -13.32
CA ARG B 68 -24.00 -14.80 -12.29
C ARG B 68 -23.02 -15.74 -12.99
N VAL B 69 -22.01 -16.21 -12.26
CA VAL B 69 -21.05 -17.24 -12.76
C VAL B 69 -21.80 -18.58 -12.77
N ASP B 70 -21.94 -19.17 -13.97
CA ASP B 70 -22.63 -20.47 -14.20
C ASP B 70 -21.57 -21.58 -14.24
N PHE B 71 -20.46 -21.35 -14.94
CA PHE B 71 -19.35 -22.33 -15.11
C PHE B 71 -18.02 -21.64 -14.78
N CYS B 72 -17.17 -22.32 -14.00
CA CYS B 72 -15.82 -21.86 -13.63
C CYS B 72 -15.03 -23.04 -13.04
N LYS B 73 -13.72 -23.08 -13.27
CA LYS B 73 -12.79 -24.14 -12.77
C LYS B 73 -12.68 -24.03 -11.25
N ASP B 74 -12.62 -22.80 -10.73
CA ASP B 74 -12.73 -22.51 -9.28
C ASP B 74 -14.20 -22.65 -8.89
N PRO B 75 -14.59 -23.72 -8.15
CA PRO B 75 -15.99 -23.96 -7.84
C PRO B 75 -16.59 -22.92 -6.88
N SER B 76 -15.73 -22.23 -6.13
CA SER B 76 -16.11 -21.17 -5.14
C SER B 76 -16.53 -19.88 -5.86
N ALA B 77 -16.26 -19.76 -7.16
CA ALA B 77 -16.69 -18.60 -7.99
C ALA B 77 -18.13 -18.82 -8.50
N ILE B 78 -18.61 -20.06 -8.49
CA ILE B 78 -19.92 -20.40 -9.12
C ILE B 78 -21.02 -19.68 -8.35
N GLY B 79 -21.93 -19.03 -9.07
CA GLY B 79 -23.05 -18.24 -8.51
C GLY B 79 -22.61 -16.86 -8.03
N LYS B 80 -21.34 -16.49 -8.22
CA LYS B 80 -20.83 -15.16 -7.76
C LYS B 80 -21.27 -14.06 -8.73
N LYS B 81 -21.14 -12.81 -8.29
CA LYS B 81 -21.75 -11.61 -8.92
C LYS B 81 -20.67 -10.54 -9.13
N GLN B 82 -21.06 -9.47 -9.82
CA GLN B 82 -20.18 -8.37 -10.21
C GLN B 82 -21.03 -7.11 -10.39
N VAL B 83 -20.61 -6.00 -9.79
CA VAL B 83 -21.05 -4.63 -10.19
C VAL B 83 -19.85 -3.88 -10.70
N PRO B 84 -19.92 -3.17 -11.84
CA PRO B 84 -18.85 -2.29 -12.27
C PRO B 84 -18.88 -1.00 -11.44
N CYS B 85 -17.94 -0.11 -11.68
CA CYS B 85 -17.78 1.16 -10.94
C CYS B 85 -17.17 2.20 -11.89
N PHE B 86 -17.82 3.34 -12.07
CA PHE B 86 -17.22 4.49 -12.78
C PHE B 86 -17.02 5.62 -11.78
N ALA B 87 -15.90 6.32 -11.91
CA ALA B 87 -15.46 7.45 -11.07
C ALA B 87 -15.39 8.70 -11.96
N SER B 88 -16.30 9.65 -11.72
CA SER B 88 -16.47 10.83 -12.58
C SER B 88 -15.81 12.05 -11.93
N MET B 89 -14.91 12.69 -12.67
CA MET B 89 -14.39 14.04 -12.41
C MET B 89 -14.83 14.97 -13.54
N LEU B 90 -15.92 14.58 -14.24
CA LEU B 90 -16.54 15.37 -15.32
C LEU B 90 -17.31 16.55 -14.72
N THR B 91 -17.40 17.64 -15.46
CA THR B 91 -17.97 18.94 -15.01
C THR B 91 -19.20 19.29 -15.84
N LYS B 92 -19.52 18.49 -16.84
CA LYS B 92 -20.68 18.74 -17.76
C LYS B 92 -21.28 17.40 -18.23
N LYS B 93 -22.44 17.50 -18.88
CA LYS B 93 -23.13 16.37 -19.55
C LYS B 93 -22.33 15.98 -20.81
N LEU B 94 -22.16 14.68 -21.00
CA LEU B 94 -21.35 14.08 -22.09
C LEU B 94 -22.28 13.24 -22.97
N HIS B 95 -22.48 13.70 -24.21
CA HIS B 95 -23.27 13.02 -25.27
C HIS B 95 -22.36 12.77 -26.49
N PHE B 96 -22.62 11.68 -27.19
CA PHE B 96 -21.97 11.33 -28.48
C PHE B 96 -23.03 11.38 -29.59
N PHE B 97 -23.71 12.51 -29.77
CA PHE B 97 -24.71 12.71 -30.86
C PHE B 97 -24.02 12.55 -32.21
N PRO B 98 -24.72 12.01 -33.25
CA PRO B 98 -24.13 11.84 -34.57
C PRO B 98 -23.53 13.16 -35.08
N LYS B 99 -22.35 13.11 -35.67
CA LYS B 99 -21.58 14.32 -36.10
C LYS B 99 -21.96 14.67 -37.54
N SER B 100 -21.94 15.97 -37.87
CA SER B 100 -22.24 16.54 -39.21
C SER B 100 -20.96 16.59 -40.06
N PHE C 2 -36.45 -3.97 -20.48
CA PHE C 2 -35.31 -3.15 -19.95
C PHE C 2 -35.57 -1.66 -20.22
N ASP C 3 -35.87 -0.90 -19.17
CA ASP C 3 -36.25 0.54 -19.26
C ASP C 3 -35.02 1.42 -18.97
N PRO C 4 -34.45 2.09 -19.98
CA PRO C 4 -33.31 2.99 -19.79
C PRO C 4 -33.56 4.14 -18.80
N ALA C 5 -34.82 4.50 -18.56
CA ALA C 5 -35.22 5.63 -17.68
C ALA C 5 -35.55 5.14 -16.26
N GLU C 6 -35.26 3.87 -15.94
CA GLU C 6 -35.66 3.26 -14.64
CA GLU C 6 -35.67 3.27 -14.64
C GLU C 6 -35.06 4.05 -13.46
N LYS C 7 -35.90 4.38 -12.48
CA LYS C 7 -35.56 5.14 -11.27
C LYS C 7 -35.61 4.20 -10.07
N TYR C 8 -34.81 4.47 -9.03
CA TYR C 8 -34.98 3.80 -7.73
C TYR C 8 -36.37 4.15 -7.20
N LYS C 9 -37.07 3.15 -6.64
CA LYS C 9 -38.33 3.30 -5.88
C LYS C 9 -38.08 4.24 -4.69
N MET C 10 -38.75 5.39 -4.64
CA MET C 10 -38.50 6.44 -3.61
C MET C 10 -39.84 6.90 -3.00
N ASP C 11 -40.78 5.96 -2.86
CA ASP C 11 -42.15 6.25 -2.36
C ASP C 11 -42.38 5.43 -1.09
N HIS C 12 -41.32 5.13 -0.35
CA HIS C 12 -41.38 4.47 0.98
C HIS C 12 -41.89 5.49 1.99
N ARG C 13 -42.36 5.02 3.14
CA ARG C 13 -42.91 5.86 4.24
C ARG C 13 -41.89 6.96 4.60
N ARG C 14 -40.60 6.61 4.69
CA ARG C 14 -39.52 7.53 5.12
C ARG C 14 -38.49 7.68 3.99
N ARG C 15 -37.82 8.83 3.91
CA ARG C 15 -36.65 9.01 3.02
C ARG C 15 -35.53 8.10 3.53
N GLY C 16 -35.27 8.15 4.83
CA GLY C 16 -34.24 7.37 5.52
C GLY C 16 -33.36 8.26 6.36
N ILE C 17 -32.29 7.68 6.90
CA ILE C 17 -31.33 8.33 7.82
C ILE C 17 -30.19 8.94 6.99
N ALA C 18 -29.79 10.15 7.35
CA ALA C 18 -28.48 10.75 6.97
C ALA C 18 -27.63 10.85 8.24
N LEU C 19 -26.60 9.99 8.34
CA LEU C 19 -25.58 10.02 9.43
C LEU C 19 -24.50 11.04 9.06
N ILE C 20 -24.21 12.01 9.92
CA ILE C 20 -23.08 12.97 9.76
C ILE C 20 -22.09 12.77 10.91
N PHE C 21 -20.87 12.34 10.58
CA PHE C 21 -19.74 12.27 11.53
C PHE C 21 -18.89 13.51 11.29
N ASN C 22 -18.92 14.45 12.24
CA ASN C 22 -18.27 15.77 12.13
C ASN C 22 -17.07 15.79 13.11
N HIS C 23 -15.87 15.95 12.57
CA HIS C 23 -14.59 15.91 13.31
C HIS C 23 -13.90 17.28 13.17
N GLU C 24 -13.93 18.10 14.23
CA GLU C 24 -13.35 19.46 14.25
C GLU C 24 -11.94 19.41 14.84
N ARG C 25 -11.74 18.64 15.90
CA ARG C 25 -10.46 18.54 16.67
C ARG C 25 -10.05 17.07 16.75
N PHE C 26 -8.75 16.80 16.91
CA PHE C 26 -8.21 15.42 16.97
C PHE C 26 -7.28 15.28 18.16
N PHE C 27 -7.19 14.04 18.66
CA PHE C 27 -6.27 13.62 19.74
C PHE C 27 -4.89 14.19 19.42
N TRP C 28 -4.33 14.93 20.39
CA TRP C 28 -3.12 15.77 20.26
C TRP C 28 -2.00 15.00 19.56
N HIS C 29 -1.81 13.72 19.92
CA HIS C 29 -0.67 12.88 19.44
C HIS C 29 -0.87 12.40 18.00
N LEU C 30 -1.98 12.73 17.35
CA LEU C 30 -2.19 12.45 15.90
C LEU C 30 -1.52 13.55 15.06
N THR C 31 -1.25 14.71 15.66
CA THR C 31 -0.67 15.93 15.02
C THR C 31 -1.48 16.23 13.78
N LEU C 32 -2.79 16.42 13.95
CA LEU C 32 -3.73 16.73 12.84
C LEU C 32 -4.30 18.11 13.07
N PRO C 33 -4.29 18.99 12.05
CA PRO C 33 -4.81 20.34 12.21
C PRO C 33 -6.33 20.30 12.50
N GLU C 34 -6.78 21.27 13.31
CA GLU C 34 -8.20 21.57 13.61
C GLU C 34 -8.92 21.88 12.29
N ARG C 35 -10.18 21.49 12.17
CA ARG C 35 -10.97 21.66 10.92
C ARG C 35 -11.98 22.79 11.13
N ARG C 36 -11.45 24.01 11.29
CA ARG C 36 -12.24 25.25 11.48
C ARG C 36 -13.16 25.44 10.26
N GLY C 37 -14.46 25.61 10.52
CA GLY C 37 -15.49 25.78 9.49
C GLY C 37 -16.31 24.51 9.30
N THR C 38 -15.89 23.36 9.84
CA THR C 38 -16.61 22.07 9.68
C THR C 38 -18.03 22.17 10.26
N CYS C 39 -18.22 22.94 11.33
CA CYS C 39 -19.54 23.09 11.99
C CYS C 39 -20.53 23.78 11.05
N ALA C 40 -20.10 24.76 10.26
CA ALA C 40 -20.88 25.38 9.17
C ALA C 40 -21.27 24.31 8.15
N ASP C 41 -20.33 23.46 7.73
CA ASP C 41 -20.57 22.33 6.80
C ASP C 41 -21.63 21.39 7.40
N ARG C 42 -21.48 21.02 8.67
CA ARG C 42 -22.40 20.09 9.36
C ARG C 42 -23.82 20.67 9.35
N ASP C 43 -23.96 21.93 9.77
CA ASP C 43 -25.26 22.65 9.89
C ASP C 43 -25.88 22.79 8.49
N ASN C 44 -25.08 23.17 7.50
CA ASN C 44 -25.47 23.37 6.08
C ASN C 44 -26.02 22.04 5.52
N LEU C 45 -25.30 20.94 5.70
CA LEU C 45 -25.72 19.58 5.26
C LEU C 45 -26.97 19.14 6.03
N THR C 46 -27.10 19.53 7.30
CA THR C 46 -28.26 19.17 8.16
C THR C 46 -29.52 19.81 7.57
N ARG C 47 -29.47 21.10 7.25
CA ARG C 47 -30.61 21.85 6.66
C ARG C 47 -30.99 21.21 5.32
N ARG C 48 -30.00 21.02 4.44
CA ARG C 48 -30.23 20.57 3.04
C ARG C 48 -30.82 19.15 3.04
N PHE C 49 -30.26 18.22 3.81
CA PHE C 49 -30.74 16.81 3.82
C PHE C 49 -32.09 16.74 4.54
N SER C 50 -32.30 17.55 5.58
CA SER C 50 -33.61 17.63 6.30
C SER C 50 -34.70 18.07 5.31
N ASP C 51 -34.42 19.06 4.46
CA ASP C 51 -35.41 19.58 3.47
C ASP C 51 -35.70 18.52 2.40
N LEU C 52 -34.81 17.53 2.19
CA LEU C 52 -35.05 16.42 1.23
C LEU C 52 -35.73 15.23 1.91
N GLY C 53 -36.08 15.35 3.20
CA GLY C 53 -36.90 14.36 3.92
C GLY C 53 -36.10 13.41 4.80
N PHE C 54 -34.77 13.56 4.86
CA PHE C 54 -33.88 12.69 5.68
C PHE C 54 -34.06 12.98 7.17
N GLU C 55 -33.98 11.94 7.99
CA GLU C 55 -33.79 12.03 9.46
C GLU C 55 -32.30 12.21 9.70
N VAL C 56 -31.86 13.44 9.98
CA VAL C 56 -30.40 13.75 10.07
C VAL C 56 -29.95 13.47 11.50
N LYS C 57 -28.93 12.62 11.65
CA LYS C 57 -28.35 12.26 12.98
C LYS C 57 -26.88 12.68 12.95
N CYS C 58 -26.54 13.70 13.73
CA CYS C 58 -25.16 14.26 13.79
CA CYS C 58 -25.16 14.23 13.79
C CYS C 58 -24.45 13.74 15.06
N PHE C 59 -23.16 13.40 14.91
CA PHE C 59 -22.25 13.00 16.00
C PHE C 59 -20.93 13.76 15.82
N ASN C 60 -20.51 14.48 16.87
CA ASN C 60 -19.34 15.39 16.84
C ASN C 60 -18.18 14.73 17.58
N ASP C 61 -17.02 14.64 16.92
CA ASP C 61 -15.71 14.22 17.49
C ASP C 61 -15.83 12.88 18.23
N LEU C 62 -16.55 11.91 17.66
CA LEU C 62 -16.58 10.53 18.22
C LEU C 62 -15.20 9.91 18.11
N LYS C 63 -14.81 9.17 19.15
CA LYS C 63 -13.66 8.24 19.14
C LYS C 63 -14.08 6.98 18.37
N ALA C 64 -13.09 6.21 17.90
CA ALA C 64 -13.26 5.06 16.99
C ALA C 64 -14.33 4.09 17.53
N GLU C 65 -14.26 3.76 18.82
CA GLU C 65 -15.22 2.82 19.46
C GLU C 65 -16.66 3.31 19.31
N GLU C 66 -16.88 4.60 19.61
CA GLU C 66 -18.22 5.25 19.61
C GLU C 66 -18.74 5.27 18.18
N LEU C 67 -17.92 5.72 17.22
CA LEU C 67 -18.28 5.83 15.79
C LEU C 67 -18.67 4.44 15.25
N LEU C 68 -17.88 3.42 15.57
CA LEU C 68 -18.12 2.02 15.10
C LEU C 68 -19.41 1.47 15.73
N LEU C 69 -19.67 1.74 17.00
CA LEU C 69 -20.93 1.33 17.69
CA LEU C 69 -20.93 1.32 17.68
C LEU C 69 -22.11 2.01 16.97
N LYS C 70 -22.04 3.33 16.82
CA LYS C 70 -23.18 4.13 16.26
C LYS C 70 -23.48 3.64 14.84
N ILE C 71 -22.47 3.49 13.98
CA ILE C 71 -22.70 3.11 12.56
C ILE C 71 -23.16 1.65 12.48
N HIS C 72 -22.61 0.75 13.30
CA HIS C 72 -23.10 -0.66 13.38
C HIS C 72 -24.59 -0.64 13.74
N GLU C 73 -24.98 0.17 14.72
CA GLU C 73 -26.38 0.31 15.21
C GLU C 73 -27.29 0.64 14.02
N VAL C 74 -26.97 1.70 13.29
CA VAL C 74 -27.79 2.18 12.12
C VAL C 74 -27.85 1.08 11.05
N SER C 75 -26.76 0.31 10.87
CA SER C 75 -26.67 -0.79 9.88
C SER C 75 -27.62 -1.94 10.27
N THR C 76 -27.98 -2.07 11.56
CA THR C 76 -28.74 -3.24 12.09
C THR C 76 -30.20 -2.87 12.33
N VAL C 77 -30.59 -1.59 12.31
CA VAL C 77 -32.03 -1.18 12.35
C VAL C 77 -32.62 -1.43 10.95
N SER C 78 -33.94 -1.63 10.90
CA SER C 78 -34.69 -1.87 9.66
C SER C 78 -34.77 -0.57 8.85
N HIS C 79 -34.38 -0.64 7.58
CA HIS C 79 -34.52 0.43 6.57
C HIS C 79 -35.61 0.04 5.56
N ALA C 80 -36.41 -0.98 5.89
CA ALA C 80 -37.42 -1.58 4.99
C ALA C 80 -38.42 -0.52 4.51
N ASP C 81 -38.77 0.44 5.37
CA ASP C 81 -39.73 1.54 5.06
C ASP C 81 -38.96 2.83 4.76
N ALA C 82 -37.71 2.74 4.34
CA ALA C 82 -36.86 3.89 3.96
C ALA C 82 -36.49 3.77 2.46
N ASP C 83 -36.34 4.91 1.79
CA ASP C 83 -35.93 5.01 0.37
C ASP C 83 -34.45 4.65 0.24
N CYS C 84 -33.63 5.17 1.15
CA CYS C 84 -32.16 5.08 0.97
C CYS C 84 -31.45 5.34 2.29
N PHE C 85 -30.11 5.24 2.26
CA PHE C 85 -29.23 5.55 3.42
C PHE C 85 -28.12 6.52 2.97
N VAL C 86 -27.89 7.58 3.76
CA VAL C 86 -26.81 8.60 3.52
C VAL C 86 -25.90 8.61 4.75
N CYS C 87 -24.59 8.60 4.53
CA CYS C 87 -23.54 8.64 5.59
C CYS C 87 -22.47 9.67 5.17
N VAL C 88 -22.29 10.74 5.96
CA VAL C 88 -21.31 11.82 5.68
C VAL C 88 -20.17 11.74 6.71
N PHE C 89 -18.93 11.77 6.24
CA PHE C 89 -17.70 11.94 7.07
C PHE C 89 -17.07 13.30 6.75
N LEU C 90 -16.97 14.15 7.77
CA LEU C 90 -16.25 15.45 7.73
C LEU C 90 -15.04 15.31 8.65
N SER C 91 -13.86 15.02 8.08
CA SER C 91 -12.65 14.66 8.86
C SER C 91 -11.40 14.72 7.98
N HIS C 92 -10.27 14.28 8.53
CA HIS C 92 -9.01 13.97 7.79
C HIS C 92 -9.02 12.49 7.41
N GLY C 93 -8.27 12.14 6.35
CA GLY C 93 -8.15 10.75 5.85
C GLY C 93 -6.70 10.38 5.64
N GLU C 94 -6.44 9.09 5.37
CA GLU C 94 -5.10 8.54 5.02
C GLU C 94 -5.36 7.28 4.22
N GLY C 95 -4.94 7.22 2.95
CA GLY C 95 -5.25 6.09 2.06
C GLY C 95 -6.73 5.79 2.06
N ASN C 96 -7.12 4.58 2.44
CA ASN C 96 -8.53 4.10 2.45
C ASN C 96 -9.06 4.17 3.89
N HIS C 97 -8.60 5.15 4.66
CA HIS C 97 -8.92 5.34 6.10
C HIS C 97 -9.52 6.73 6.30
N ILE C 98 -10.48 6.83 7.20
CA ILE C 98 -11.05 8.10 7.75
C ILE C 98 -10.63 8.18 9.21
N TYR C 99 -10.30 9.38 9.70
CA TYR C 99 -9.90 9.60 11.13
C TYR C 99 -11.15 9.81 11.98
N ALA C 100 -11.26 9.07 13.08
CA ALA C 100 -12.10 9.40 14.26
C ALA C 100 -11.30 10.40 15.10
N TYR C 101 -11.73 10.70 16.33
CA TYR C 101 -11.01 11.65 17.21
C TYR C 101 -9.57 11.15 17.46
N ASP C 102 -9.42 9.84 17.65
CA ASP C 102 -8.24 9.23 18.34
C ASP C 102 -7.44 8.32 17.40
N ALA C 103 -8.02 7.88 16.30
CA ALA C 103 -7.43 6.84 15.44
C ALA C 103 -8.11 6.83 14.07
N LYS C 104 -7.52 6.14 13.11
CA LYS C 104 -8.09 6.01 11.74
C LYS C 104 -8.84 4.68 11.62
N ILE C 105 -9.86 4.66 10.77
CA ILE C 105 -10.72 3.47 10.48
C ILE C 105 -10.70 3.23 8.98
N GLU C 106 -10.55 1.96 8.57
CA GLU C 106 -10.65 1.51 7.16
C GLU C 106 -12.06 1.83 6.63
N ILE C 107 -12.16 2.62 5.57
CA ILE C 107 -13.48 3.06 5.02
C ILE C 107 -14.31 1.82 4.65
N GLN C 108 -13.65 0.76 4.14
CA GLN C 108 -14.27 -0.53 3.73
C GLN C 108 -14.92 -1.23 4.93
N THR C 109 -14.42 -1.05 6.16
CA THR C 109 -15.08 -1.56 7.40
CA THR C 109 -15.07 -1.55 7.41
C THR C 109 -16.45 -0.87 7.56
N LEU C 110 -16.54 0.40 7.19
CA LEU C 110 -17.76 1.24 7.40
C LEU C 110 -18.79 0.96 6.30
N THR C 111 -18.39 0.96 5.03
CA THR C 111 -19.28 0.66 3.88
C THR C 111 -19.71 -0.82 3.93
N GLY C 112 -18.82 -1.70 4.40
CA GLY C 112 -19.03 -3.16 4.51
C GLY C 112 -20.26 -3.52 5.34
N LEU C 113 -20.60 -2.69 6.34
CA LEU C 113 -21.79 -2.88 7.21
C LEU C 113 -23.10 -2.76 6.42
N PHE C 114 -23.07 -2.12 5.25
CA PHE C 114 -24.29 -1.79 4.45
C PHE C 114 -24.33 -2.60 3.15
N LYS C 115 -23.36 -3.47 2.93
CA LYS C 115 -23.38 -4.41 1.78
C LYS C 115 -24.57 -5.36 1.98
N GLY C 116 -25.07 -5.90 0.87
CA GLY C 116 -26.35 -6.63 0.82
C GLY C 116 -26.39 -7.80 1.77
N ASP C 117 -25.26 -8.48 1.97
CA ASP C 117 -25.14 -9.68 2.83
C ASP C 117 -25.15 -9.29 4.32
N LYS C 118 -24.84 -8.03 4.66
CA LYS C 118 -24.82 -7.55 6.08
C LYS C 118 -26.09 -6.75 6.40
N CYS C 119 -26.74 -6.13 5.40
CA CYS C 119 -27.87 -5.19 5.63
C CYS C 119 -28.97 -5.46 4.61
N HIS C 120 -29.80 -6.48 4.88
CA HIS C 120 -30.80 -7.02 3.94
C HIS C 120 -31.85 -5.96 3.59
N SER C 121 -32.22 -5.10 4.55
CA SER C 121 -33.31 -4.11 4.35
C SER C 121 -32.85 -2.96 3.44
N LEU C 122 -31.56 -2.84 3.12
CA LEU C 122 -31.09 -1.83 2.12
C LEU C 122 -30.73 -2.49 0.77
N VAL C 123 -30.97 -3.78 0.61
CA VAL C 123 -30.76 -4.46 -0.70
C VAL C 123 -31.73 -3.84 -1.72
N GLY C 124 -31.19 -3.44 -2.88
CA GLY C 124 -31.92 -2.79 -3.97
C GLY C 124 -32.06 -1.29 -3.77
N LYS C 125 -31.53 -0.74 -2.67
CA LYS C 125 -31.69 0.70 -2.32
C LYS C 125 -30.33 1.40 -2.29
N PRO C 126 -30.29 2.69 -2.67
CA PRO C 126 -29.03 3.43 -2.71
C PRO C 126 -28.39 3.60 -1.33
N LYS C 127 -27.08 3.29 -1.25
CA LYS C 127 -26.24 3.59 -0.07
C LYS C 127 -25.23 4.65 -0.49
N ILE C 128 -25.41 5.88 -0.01
CA ILE C 128 -24.63 7.09 -0.45
C ILE C 128 -23.66 7.45 0.66
N PHE C 129 -22.36 7.39 0.38
CA PHE C 129 -21.26 7.85 1.26
C PHE C 129 -20.70 9.16 0.70
N ILE C 130 -20.63 10.18 1.54
CA ILE C 130 -20.05 11.51 1.21
C ILE C 130 -18.87 11.74 2.16
N ILE C 131 -17.68 12.01 1.60
CA ILE C 131 -16.41 12.17 2.37
C ILE C 131 -15.71 13.48 1.95
N GLN C 132 -15.79 14.48 2.84
CA GLN C 132 -14.91 15.67 2.88
C GLN C 132 -13.64 15.31 3.66
N ALA C 133 -12.58 14.93 2.94
CA ALA C 133 -11.22 14.64 3.45
C ALA C 133 -10.24 14.79 2.29
N CYS C 134 -9.02 15.25 2.57
CA CYS C 134 -7.87 15.18 1.62
C CYS C 134 -7.59 13.70 1.34
N ARG C 135 -7.12 13.38 0.12
CA ARG C 135 -6.81 11.99 -0.28
C ARG C 135 -5.34 11.88 -0.73
N GLY C 136 -4.49 12.79 -0.25
CA GLY C 136 -3.05 12.81 -0.51
C GLY C 136 -2.47 14.19 -0.27
N ASN C 137 -1.28 14.44 -0.81
CA ASN C 137 -0.44 15.61 -0.43
C ASN C 137 -0.03 16.39 -1.68
N GLN C 138 -0.82 16.29 -2.75
CA GLN C 138 -0.62 17.02 -4.03
C GLN C 138 -1.72 18.07 -4.18
N HIS C 139 -1.34 19.31 -4.49
CA HIS C 139 -2.26 20.37 -4.97
C HIS C 139 -2.42 20.19 -6.48
N ASP C 140 -3.65 20.21 -7.00
CA ASP C 140 -3.88 20.17 -8.46
C ASP C 140 -3.62 21.58 -9.01
N VAL C 141 -3.08 21.68 -10.23
CA VAL C 141 -2.57 22.96 -10.81
C VAL C 141 -3.59 23.51 -11.81
N PRO C 142 -3.68 24.86 -11.92
CA PRO C 142 -4.60 25.51 -12.84
C PRO C 142 -4.15 25.43 -14.30
N VAL C 143 -5.12 25.36 -15.21
CA VAL C 143 -4.88 25.30 -16.69
C VAL C 143 -5.98 26.12 -17.39
N ILE C 144 -5.76 26.45 -18.66
CA ILE C 144 -6.65 27.34 -19.45
C ILE C 144 -7.04 26.63 -20.74
N PRO C 145 -8.30 26.80 -21.21
CA PRO C 145 -8.64 26.45 -22.58
C PRO C 145 -7.69 27.12 -23.61
N SER D 4 -38.37 -8.84 -10.07
CA SER D 4 -37.18 -9.23 -10.89
C SER D 4 -37.01 -10.76 -10.87
N VAL D 5 -36.29 -11.29 -11.86
CA VAL D 5 -35.80 -12.70 -11.92
C VAL D 5 -34.44 -12.77 -11.22
N TYR D 6 -33.70 -11.65 -11.17
CA TYR D 6 -32.23 -11.61 -10.97
C TYR D 6 -31.89 -11.23 -9.52
N THR D 7 -30.77 -11.77 -9.05
CA THR D 7 -30.11 -11.40 -7.77
C THR D 7 -29.23 -10.17 -8.01
N LEU D 8 -28.89 -9.46 -6.92
CA LEU D 8 -27.97 -8.30 -6.95
C LEU D 8 -26.63 -8.71 -6.35
N PRO D 9 -25.52 -8.12 -6.83
CA PRO D 9 -24.23 -8.20 -6.14
C PRO D 9 -24.42 -7.46 -4.81
N ALA D 10 -23.73 -7.90 -3.76
CA ALA D 10 -23.83 -7.31 -2.40
C ALA D 10 -23.21 -5.92 -2.39
N GLY D 11 -22.33 -5.61 -3.35
CA GLY D 11 -21.63 -4.31 -3.46
C GLY D 11 -22.33 -3.33 -4.40
N ALA D 12 -23.45 -3.72 -5.01
CA ALA D 12 -24.23 -2.87 -5.95
C ALA D 12 -24.99 -1.78 -5.17
N ASP D 13 -25.34 -0.70 -5.87
CA ASP D 13 -26.19 0.41 -5.38
C ASP D 13 -25.44 1.21 -4.31
N PHE D 14 -24.10 1.24 -4.40
CA PHE D 14 -23.24 2.17 -3.63
C PHE D 14 -22.89 3.37 -4.49
N LEU D 15 -22.89 4.55 -3.88
CA LEU D 15 -22.40 5.80 -4.47
C LEU D 15 -21.45 6.46 -3.48
N MET D 16 -20.17 6.52 -3.82
CA MET D 16 -19.10 7.15 -3.00
C MET D 16 -18.80 8.53 -3.60
N CYS D 17 -19.10 9.59 -2.85
CA CYS D 17 -18.94 11.00 -3.29
C CYS D 17 -17.77 11.60 -2.50
N TYR D 18 -16.65 11.87 -3.16
CA TYR D 18 -15.40 12.39 -2.55
C TYR D 18 -15.24 13.87 -2.90
N SER D 19 -14.68 14.63 -1.97
CA SER D 19 -14.35 16.07 -2.12
C SER D 19 -13.25 16.24 -3.18
N VAL D 20 -12.41 15.23 -3.38
CA VAL D 20 -11.21 15.32 -4.26
C VAL D 20 -10.89 13.92 -4.78
N ALA D 21 -10.19 13.81 -5.90
CA ALA D 21 -9.69 12.54 -6.45
C ALA D 21 -8.54 12.05 -5.56
N GLU D 22 -8.25 10.75 -5.60
CA GLU D 22 -7.16 10.10 -4.84
C GLU D 22 -5.85 10.86 -5.08
N GLY D 23 -5.07 11.12 -4.02
CA GLY D 23 -3.70 11.66 -4.10
C GLY D 23 -3.63 13.19 -3.97
N TYR D 24 -4.77 13.87 -3.82
CA TYR D 24 -4.83 15.36 -3.81
C TYR D 24 -5.34 15.90 -2.47
N TYR D 25 -4.93 17.12 -2.16
CA TYR D 25 -5.47 17.98 -1.06
C TYR D 25 -6.83 18.56 -1.47
N SER D 26 -7.74 18.65 -0.50
CA SER D 26 -9.04 19.38 -0.56
C SER D 26 -8.87 20.74 0.12
N HIS D 27 -9.74 21.70 -0.18
CA HIS D 27 -9.58 23.11 0.24
C HIS D 27 -10.85 23.62 0.90
N ARG D 28 -10.77 24.80 1.49
CA ARG D 28 -11.83 25.44 2.32
C ARG D 28 -11.71 26.96 2.21
N GLU D 29 -12.81 27.67 2.46
CA GLU D 29 -12.79 29.11 2.78
C GLU D 29 -12.27 29.25 4.23
N THR D 30 -11.81 30.43 4.61
CA THR D 30 -11.13 30.66 5.93
C THR D 30 -11.91 29.95 7.03
N VAL D 31 -13.19 30.31 7.25
CA VAL D 31 -14.03 29.74 8.35
C VAL D 31 -15.45 29.38 7.88
N ASN D 32 -15.79 29.58 6.60
CA ASN D 32 -17.16 29.38 6.06
C ASN D 32 -17.38 27.90 5.67
N GLY D 33 -16.35 27.06 5.78
CA GLY D 33 -16.45 25.61 5.47
C GLY D 33 -15.68 25.19 4.23
N SER D 34 -15.80 23.91 3.86
CA SER D 34 -15.03 23.30 2.74
C SER D 34 -15.63 23.77 1.42
N TRP D 35 -14.80 23.87 0.37
CA TRP D 35 -15.24 24.12 -1.02
C TRP D 35 -16.34 23.13 -1.37
N TYR D 36 -16.05 21.84 -1.19
CA TYR D 36 -16.90 20.71 -1.66
C TYR D 36 -18.28 20.79 -1.00
N ILE D 37 -18.32 20.84 0.33
CA ILE D 37 -19.61 20.79 1.08
C ILE D 37 -20.43 22.05 0.78
N GLN D 38 -19.78 23.21 0.65
CA GLN D 38 -20.45 24.51 0.35
C GLN D 38 -21.17 24.39 -0.99
N ASP D 39 -20.45 23.92 -2.02
CA ASP D 39 -20.96 23.78 -3.40
C ASP D 39 -21.97 22.62 -3.44
N LEU D 40 -21.68 21.52 -2.75
CA LEU D 40 -22.66 20.40 -2.65
C LEU D 40 -23.98 20.95 -2.12
N CYS D 41 -23.93 21.71 -1.02
CA CYS D 41 -25.12 22.18 -0.30
C CYS D 41 -25.88 23.18 -1.17
N GLU D 42 -25.17 24.09 -1.85
CA GLU D 42 -25.78 25.07 -2.78
C GLU D 42 -26.57 24.30 -3.85
N MET D 43 -25.93 23.33 -4.52
CA MET D 43 -26.60 22.51 -5.56
C MET D 43 -27.77 21.73 -4.92
N LEU D 44 -27.62 21.17 -3.73
CA LEU D 44 -28.76 20.48 -3.03
C LEU D 44 -29.93 21.46 -2.82
N GLY D 45 -29.64 22.71 -2.44
CA GLY D 45 -30.66 23.74 -2.18
C GLY D 45 -31.45 24.06 -3.45
N LYS D 46 -30.74 24.27 -4.57
CA LYS D 46 -31.35 24.66 -5.85
C LYS D 46 -31.97 23.46 -6.56
N TYR D 47 -31.29 22.30 -6.56
CA TYR D 47 -31.56 21.19 -7.50
C TYR D 47 -31.84 19.85 -6.81
N GLY D 48 -31.61 19.73 -5.50
CA GLY D 48 -31.72 18.47 -4.76
C GLY D 48 -33.02 17.76 -5.02
N SER D 49 -34.13 18.50 -5.14
CA SER D 49 -35.52 17.98 -5.20
C SER D 49 -35.97 17.67 -6.64
N SER D 50 -35.18 18.01 -7.66
CA SER D 50 -35.55 17.87 -9.10
C SER D 50 -34.54 17.01 -9.88
N LEU D 51 -33.25 17.36 -9.84
CA LEU D 51 -32.21 16.73 -10.70
C LEU D 51 -31.87 15.32 -10.22
N GLU D 52 -31.43 14.47 -11.15
CA GLU D 52 -30.82 13.16 -10.86
C GLU D 52 -29.55 13.41 -10.04
N PHE D 53 -29.33 12.64 -8.98
CA PHE D 53 -28.31 12.98 -7.95
C PHE D 53 -26.90 13.07 -8.57
N THR D 54 -26.52 12.12 -9.43
CA THR D 54 -25.17 12.11 -10.07
C THR D 54 -25.06 13.29 -11.05
N GLU D 55 -26.18 13.67 -11.67
CA GLU D 55 -26.31 14.87 -12.54
C GLU D 55 -26.00 16.11 -11.69
N LEU D 56 -26.55 16.16 -10.49
CA LEU D 56 -26.25 17.21 -9.47
C LEU D 56 -24.78 17.13 -9.04
N LEU D 57 -24.23 15.95 -8.75
CA LEU D 57 -22.81 15.82 -8.31
C LEU D 57 -21.86 16.32 -9.42
N THR D 58 -22.30 16.26 -10.70
CA THR D 58 -21.50 16.74 -11.85
C THR D 58 -21.44 18.29 -11.80
N LEU D 59 -22.58 18.94 -11.51
CA LEU D 59 -22.67 20.40 -11.25
C LEU D 59 -21.76 20.77 -10.08
N VAL D 60 -21.74 19.96 -9.02
CA VAL D 60 -20.83 20.16 -7.85
C VAL D 60 -19.39 20.15 -8.35
N ASN D 61 -19.04 19.19 -9.22
CA ASN D 61 -17.68 19.10 -9.79
C ASN D 61 -17.33 20.39 -10.54
N ARG D 62 -18.27 20.93 -11.33
CA ARG D 62 -18.02 22.17 -12.12
C ARG D 62 -17.86 23.36 -11.18
N LYS D 63 -18.70 23.46 -10.15
CA LYS D 63 -18.63 24.60 -9.21
C LYS D 63 -17.30 24.58 -8.47
N VAL D 64 -16.89 23.43 -7.94
CA VAL D 64 -15.61 23.31 -7.17
C VAL D 64 -14.43 23.62 -8.10
N SER D 65 -14.50 23.19 -9.37
CA SER D 65 -13.44 23.37 -10.39
CA SER D 65 -13.44 23.37 -10.40
C SER D 65 -13.20 24.87 -10.69
N GLN D 66 -14.17 25.74 -10.37
CA GLN D 66 -14.09 27.20 -10.64
C GLN D 66 -13.28 27.91 -9.55
N ARG D 67 -13.15 27.30 -8.37
CA ARG D 67 -12.46 27.91 -7.21
C ARG D 67 -10.94 27.85 -7.36
N ARG D 68 -10.24 28.77 -6.69
CA ARG D 68 -8.77 28.72 -6.54
C ARG D 68 -8.44 29.13 -5.12
N VAL D 69 -7.30 28.67 -4.61
CA VAL D 69 -6.74 29.07 -3.30
C VAL D 69 -6.23 30.52 -3.44
N ASP D 70 -6.82 31.46 -2.69
CA ASP D 70 -6.48 32.91 -2.73
C ASP D 70 -5.48 33.24 -1.62
N PHE D 71 -5.72 32.73 -0.41
CA PHE D 71 -4.85 32.88 0.78
C PHE D 71 -4.55 31.51 1.38
N CYS D 72 -3.29 31.26 1.75
CA CYS D 72 -2.85 30.02 2.42
C CYS D 72 -1.48 30.23 3.08
N LYS D 73 -1.22 29.53 4.19
CA LYS D 73 0.06 29.62 4.96
C LYS D 73 1.17 28.99 4.14
N ASP D 74 0.88 27.87 3.46
CA ASP D 74 1.78 27.28 2.43
C ASP D 74 1.65 28.13 1.16
N PRO D 75 2.66 28.95 0.80
CA PRO D 75 2.52 29.86 -0.33
C PRO D 75 2.46 29.13 -1.69
N SER D 76 2.94 27.89 -1.74
CA SER D 76 2.94 27.03 -2.95
C SER D 76 1.52 26.51 -3.26
N ALA D 77 0.59 26.63 -2.32
CA ALA D 77 -0.83 26.24 -2.48
C ALA D 77 -1.62 27.37 -3.14
N ILE D 78 -1.09 28.60 -3.13
CA ILE D 78 -1.82 29.78 -3.67
C ILE D 78 -2.05 29.55 -5.17
N GLY D 79 -3.29 29.78 -5.62
CA GLY D 79 -3.71 29.61 -7.02
C GLY D 79 -4.00 28.17 -7.37
N LYS D 80 -3.90 27.25 -6.41
CA LYS D 80 -4.10 25.79 -6.68
C LYS D 80 -5.59 25.48 -6.77
N LYS D 81 -5.90 24.27 -7.28
CA LYS D 81 -7.25 23.89 -7.75
C LYS D 81 -7.69 22.57 -7.10
N GLN D 82 -8.96 22.25 -7.31
CA GLN D 82 -9.64 21.05 -6.78
C GLN D 82 -10.77 20.67 -7.74
N VAL D 83 -10.81 19.40 -8.13
CA VAL D 83 -12.01 18.74 -8.71
C VAL D 83 -12.43 17.64 -7.73
N PRO D 84 -13.72 17.51 -7.39
CA PRO D 84 -14.20 16.38 -6.61
C PRO D 84 -14.28 15.16 -7.52
N CYS D 85 -14.68 14.02 -6.96
CA CYS D 85 -14.77 12.73 -7.67
C CYS D 85 -15.90 11.92 -7.03
N PHE D 86 -16.87 11.45 -7.81
CA PHE D 86 -17.88 10.49 -7.32
C PHE D 86 -17.70 9.18 -8.09
N ALA D 87 -17.86 8.06 -7.38
CA ALA D 87 -17.70 6.69 -7.87
C ALA D 87 -19.05 5.99 -7.73
N SER D 88 -19.68 5.68 -8.87
CA SER D 88 -21.06 5.15 -8.90
C SER D 88 -21.04 3.64 -9.16
N MET D 89 -21.66 2.90 -8.25
CA MET D 89 -22.04 1.48 -8.43
C MET D 89 -23.57 1.39 -8.43
N LEU D 90 -24.24 2.52 -8.73
CA LEU D 90 -25.71 2.60 -8.84
C LEU D 90 -26.16 1.96 -10.15
N THR D 91 -27.38 1.42 -10.15
CA THR D 91 -27.97 0.62 -11.24
C THR D 91 -29.20 1.33 -11.79
N LYS D 92 -29.63 2.44 -11.18
CA LYS D 92 -30.84 3.18 -11.58
C LYS D 92 -30.63 4.70 -11.37
N LYS D 93 -31.59 5.47 -11.88
CA LYS D 93 -31.69 6.93 -11.67
C LYS D 93 -32.13 7.19 -10.23
N LEU D 94 -31.49 8.16 -9.58
CA LEU D 94 -31.70 8.53 -8.16
C LEU D 94 -32.23 9.96 -8.09
N HIS D 95 -33.49 10.10 -7.66
CA HIS D 95 -34.18 11.39 -7.45
C HIS D 95 -34.64 11.50 -5.99
N PHE D 96 -34.61 12.72 -5.46
CA PHE D 96 -35.16 13.06 -4.12
C PHE D 96 -36.36 14.01 -4.33
N PHE D 97 -37.36 13.59 -5.10
CA PHE D 97 -38.63 14.36 -5.28
C PHE D 97 -39.32 14.50 -3.93
N PRO D 98 -40.00 15.65 -3.66
CA PRO D 98 -40.65 15.86 -2.37
C PRO D 98 -41.60 14.71 -2.05
N LYS D 99 -41.60 14.25 -0.80
CA LYS D 99 -42.39 13.08 -0.33
C LYS D 99 -43.75 13.59 0.17
N SER D 100 -44.81 12.79 -0.04
CA SER D 100 -46.21 13.10 0.38
C SER D 100 -46.46 12.52 1.78
N PHE E 2 39.31 2.44 14.02
CA PHE E 2 38.01 1.73 13.81
C PHE E 2 38.10 0.30 14.36
N ASP E 3 37.41 0.05 15.47
CA ASP E 3 37.45 -1.23 16.22
C ASP E 3 36.26 -2.10 15.84
N PRO E 4 36.47 -3.20 15.07
CA PRO E 4 35.37 -4.09 14.70
C PRO E 4 34.65 -4.76 15.90
N ALA E 5 35.29 -4.78 17.08
CA ALA E 5 34.74 -5.41 18.31
C ALA E 5 34.02 -4.37 19.17
N GLU E 6 33.81 -3.14 18.68
CA GLU E 6 33.24 -2.04 19.49
C GLU E 6 31.82 -2.40 19.93
N LYS E 7 31.53 -2.22 21.22
CA LYS E 7 30.26 -2.60 21.89
C LYS E 7 29.52 -1.31 22.25
N TYR E 8 28.20 -1.35 22.32
CA TYR E 8 27.41 -0.25 22.94
C TYR E 8 27.84 -0.15 24.40
N LYS E 9 28.03 1.08 24.88
CA LYS E 9 28.23 1.42 26.31
C LYS E 9 27.01 0.92 27.10
N MET E 10 27.20 -0.01 28.03
CA MET E 10 26.07 -0.64 28.79
C MET E 10 26.39 -0.64 30.29
N ASP E 11 27.05 0.42 30.76
CA ASP E 11 27.50 0.56 32.17
C ASP E 11 26.83 1.80 32.78
N HIS E 12 25.65 2.17 32.29
CA HIS E 12 24.83 3.28 32.85
C HIS E 12 24.20 2.80 34.16
N ARG E 13 23.72 3.73 34.98
CA ARG E 13 23.10 3.46 36.30
CA ARG E 13 23.10 3.46 36.30
C ARG E 13 21.99 2.42 36.15
N ARG E 14 21.16 2.53 35.11
CA ARG E 14 20.00 1.63 34.84
C ARG E 14 20.19 0.92 33.49
N ARG E 15 19.63 -0.28 33.35
CA ARG E 15 19.50 -0.96 32.03
C ARG E 15 18.56 -0.11 31.15
N GLY E 16 17.41 0.26 31.69
CA GLY E 16 16.37 1.01 30.98
C GLY E 16 15.02 0.34 31.10
N ILE E 17 14.05 0.88 30.36
CA ILE E 17 12.63 0.45 30.41
C ILE E 17 12.41 -0.59 29.30
N ALA E 18 11.66 -1.63 29.62
CA ALA E 18 11.02 -2.53 28.64
C ALA E 18 9.51 -2.33 28.72
N LEU E 19 8.93 -1.66 27.71
CA LEU E 19 7.45 -1.50 27.54
C LEU E 19 6.89 -2.75 26.86
N ILE E 20 5.90 -3.41 27.46
CA ILE E 20 5.14 -4.53 26.83
C ILE E 20 3.67 -4.10 26.68
N PHE E 21 3.20 -4.00 25.44
CA PHE E 21 1.78 -3.79 25.11
C PHE E 21 1.21 -5.16 24.74
N ASN E 22 0.37 -5.71 25.61
CA ASN E 22 -0.20 -7.08 25.52
C ASN E 22 -1.69 -6.95 25.18
N HIS E 23 -2.09 -7.48 24.03
CA HIS E 23 -3.47 -7.38 23.48
C HIS E 23 -4.03 -8.80 23.33
N GLU E 24 -4.94 -9.20 24.22
CA GLU E 24 -5.55 -10.57 24.20
C GLU E 24 -6.89 -10.52 23.44
N ARG E 25 -7.70 -9.49 23.69
CA ARG E 25 -9.05 -9.31 23.11
C ARG E 25 -9.12 -7.95 22.42
N PHE E 26 -10.04 -7.82 21.47
CA PHE E 26 -10.21 -6.61 20.65
C PHE E 26 -11.68 -6.20 20.64
N PHE E 27 -11.89 -4.90 20.47
CA PHE E 27 -13.23 -4.28 20.29
C PHE E 27 -14.02 -5.09 19.29
N TRP E 28 -15.21 -5.54 19.70
CA TRP E 28 -16.04 -6.56 19.01
C TRP E 28 -16.15 -6.25 17.52
N HIS E 29 -16.32 -4.97 17.16
CA HIS E 29 -16.58 -4.52 15.76
C HIS E 29 -15.32 -4.58 14.89
N LEU E 30 -14.16 -4.94 15.44
CA LEU E 30 -12.91 -5.16 14.65
C LEU E 30 -12.90 -6.58 14.06
N THR E 31 -13.70 -7.49 14.62
CA THR E 31 -13.80 -8.92 14.20
C THR E 31 -12.40 -9.51 14.13
N LEU E 32 -11.65 -9.44 15.24
CA LEU E 32 -10.26 -9.95 15.36
C LEU E 32 -10.26 -11.09 16.36
N PRO E 33 -9.62 -12.24 16.04
CA PRO E 33 -9.61 -13.37 16.96
C PRO E 33 -8.87 -13.02 18.27
N GLU E 34 -9.33 -13.62 19.37
CA GLU E 34 -8.69 -13.57 20.70
C GLU E 34 -7.28 -14.17 20.58
N ARG E 35 -6.33 -13.64 21.35
CA ARG E 35 -4.92 -14.09 21.31
C ARG E 35 -4.63 -14.88 22.59
N ARG E 36 -5.30 -16.03 22.68
CA ARG E 36 -5.20 -16.98 23.82
C ARG E 36 -3.76 -17.44 23.95
N GLY E 37 -3.18 -17.29 25.14
CA GLY E 37 -1.78 -17.64 25.45
C GLY E 37 -0.86 -16.43 25.49
N THR E 38 -1.33 -15.24 25.08
CA THR E 38 -0.50 -14.00 25.09
C THR E 38 -0.07 -13.67 26.52
N CYS E 39 -0.89 -13.97 27.53
CA CYS E 39 -0.58 -13.72 28.97
C CYS E 39 0.69 -14.47 29.39
N ALA E 40 0.85 -15.73 28.95
CA ALA E 40 2.07 -16.55 29.14
C ALA E 40 3.26 -15.82 28.51
N ASP E 41 3.11 -15.34 27.28
CA ASP E 41 4.16 -14.56 26.55
C ASP E 41 4.53 -13.31 27.35
N ARG E 42 3.52 -12.56 27.82
CA ARG E 42 3.74 -11.31 28.59
C ARG E 42 4.57 -11.60 29.84
N ASP E 43 4.14 -12.60 30.62
CA ASP E 43 4.75 -13.00 31.92
C ASP E 43 6.17 -13.50 31.66
N ASN E 44 6.33 -14.32 30.63
CA ASN E 44 7.63 -14.95 30.21
C ASN E 44 8.61 -13.83 29.87
N LEU E 45 8.20 -12.87 29.02
CA LEU E 45 9.05 -11.70 28.63
C LEU E 45 9.34 -10.83 29.87
N THR E 46 8.39 -10.71 30.80
CA THR E 46 8.54 -9.89 32.03
C THR E 46 9.68 -10.49 32.89
N ARG E 47 9.65 -11.81 33.13
CA ARG E 47 10.70 -12.51 33.91
CA ARG E 47 10.70 -12.50 33.91
C ARG E 47 12.05 -12.32 33.22
N ARG E 48 12.13 -12.62 31.93
CA ARG E 48 13.41 -12.66 31.17
C ARG E 48 14.03 -11.26 31.10
N PHE E 49 13.25 -10.23 30.79
CA PHE E 49 13.78 -8.84 30.68
C PHE E 49 14.13 -8.32 32.08
N SER E 50 13.34 -8.66 33.11
CA SER E 50 13.64 -8.29 34.52
C SER E 50 15.00 -8.87 34.94
N ASP E 51 15.30 -10.13 34.57
CA ASP E 51 16.58 -10.80 34.91
C ASP E 51 17.74 -10.13 34.16
N LEU E 52 17.50 -9.43 33.06
CA LEU E 52 18.55 -8.69 32.31
C LEU E 52 18.67 -7.25 32.82
N GLY E 53 17.91 -6.86 33.86
CA GLY E 53 18.06 -5.57 34.55
C GLY E 53 17.04 -4.51 34.12
N PHE E 54 16.13 -4.84 33.21
CA PHE E 54 15.11 -3.89 32.69
C PHE E 54 14.05 -3.61 33.76
N GLU E 55 13.55 -2.37 33.77
CA GLU E 55 12.30 -1.97 34.46
C GLU E 55 11.15 -2.32 33.53
N VAL E 56 10.45 -3.42 33.79
CA VAL E 56 9.41 -3.90 32.84
C VAL E 56 8.09 -3.21 33.20
N LYS E 57 7.46 -2.55 32.22
CA LYS E 57 6.15 -1.88 32.37
C LYS E 57 5.18 -2.52 31.39
N CYS E 58 4.21 -3.27 31.91
CA CYS E 58 3.20 -3.99 31.10
CA CYS E 58 3.20 -3.98 31.08
C CYS E 58 1.87 -3.22 31.11
N PHE E 59 1.21 -3.17 29.95
CA PHE E 59 -0.13 -2.57 29.75
C PHE E 59 -0.96 -3.53 28.91
N ASN E 60 -2.13 -3.91 29.41
CA ASN E 60 -3.01 -4.94 28.82
C ASN E 60 -4.19 -4.25 28.15
N ASP E 61 -4.44 -4.57 26.88
CA ASP E 61 -5.64 -4.20 26.10
C ASP E 61 -5.88 -2.69 26.15
N LEU E 62 -4.82 -1.87 26.05
CA LEU E 62 -4.97 -0.40 25.95
C LEU E 62 -5.66 -0.06 24.63
N LYS E 63 -6.57 0.91 24.68
CA LYS E 63 -7.12 1.60 23.50
C LYS E 63 -6.04 2.55 22.94
N ALA E 64 -6.19 2.92 21.67
CA ALA E 64 -5.20 3.71 20.89
C ALA E 64 -4.77 4.94 21.67
N GLU E 65 -5.72 5.68 22.24
CA GLU E 65 -5.47 6.93 22.99
CA GLU E 65 -5.47 6.93 23.00
C GLU E 65 -4.48 6.66 24.14
N GLU E 66 -4.77 5.64 24.94
CA GLU E 66 -4.02 5.25 26.15
C GLU E 66 -2.61 4.83 25.74
N LEU E 67 -2.50 3.94 24.75
CA LEU E 67 -1.22 3.38 24.25
C LEU E 67 -0.34 4.54 23.77
N LEU E 68 -0.90 5.47 22.98
CA LEU E 68 -0.17 6.63 22.41
C LEU E 68 0.28 7.57 23.53
N LEU E 69 -0.55 7.81 24.54
CA LEU E 69 -0.19 8.64 25.72
C LEU E 69 0.98 7.98 26.43
N LYS E 70 0.85 6.68 26.76
CA LYS E 70 1.86 5.95 27.57
C LYS E 70 3.21 5.96 26.84
N ILE E 71 3.22 5.61 25.55
CA ILE E 71 4.50 5.48 24.78
C ILE E 71 5.08 6.88 24.55
N HIS E 72 4.25 7.90 24.28
CA HIS E 72 4.73 9.31 24.16
C HIS E 72 5.43 9.70 25.47
N GLU E 73 4.82 9.39 26.61
CA GLU E 73 5.34 9.71 27.97
C GLU E 73 6.75 9.14 28.11
N VAL E 74 6.92 7.84 27.86
CA VAL E 74 8.24 7.13 27.98
C VAL E 74 9.26 7.75 27.02
N SER E 75 8.83 8.18 25.83
CA SER E 75 9.69 8.81 24.80
C SER E 75 10.20 10.18 25.29
N THR E 76 9.48 10.85 26.21
CA THR E 76 9.78 12.23 26.65
C THR E 76 10.49 12.24 28.02
N VAL E 77 10.53 11.14 28.76
CA VAL E 77 11.34 11.03 30.01
C VAL E 77 12.80 10.85 29.62
N SER E 78 13.71 11.23 30.52
CA SER E 78 15.18 11.10 30.37
C SER E 78 15.56 9.62 30.45
N HIS E 79 16.30 9.15 29.44
CA HIS E 79 16.96 7.83 29.38
C HIS E 79 18.47 8.00 29.54
N ALA E 80 18.91 9.20 29.93
CA ALA E 80 20.34 9.60 29.97
C ALA E 80 21.14 8.64 30.87
N ASP E 81 20.52 8.14 31.95
CA ASP E 81 21.15 7.18 32.90
C ASP E 81 20.70 5.75 32.59
N ALA E 82 20.26 5.46 31.37
CA ALA E 82 19.82 4.11 30.92
C ALA E 82 20.71 3.65 29.77
N ASP E 83 20.93 2.33 29.67
CA ASP E 83 21.72 1.66 28.60
C ASP E 83 20.94 1.72 27.29
N CYS E 84 19.65 1.43 27.34
CA CYS E 84 18.88 1.15 26.11
C CYS E 84 17.39 1.26 26.40
N PHE E 85 16.57 1.06 25.36
CA PHE E 85 15.09 1.08 25.41
C PHE E 85 14.55 -0.15 24.68
N VAL E 86 13.63 -0.89 25.31
CA VAL E 86 12.93 -2.07 24.71
C VAL E 86 11.42 -1.79 24.69
N CYS E 87 10.76 -2.04 23.56
CA CYS E 87 9.30 -1.90 23.39
C CYS E 87 8.76 -3.16 22.70
N VAL E 88 7.86 -3.90 23.37
CA VAL E 88 7.25 -5.15 22.84
C VAL E 88 5.76 -4.90 22.52
N PHE E 89 5.32 -5.32 21.33
CA PHE E 89 3.90 -5.38 20.93
C PHE E 89 3.49 -6.86 20.76
N LEU E 90 2.53 -7.29 21.57
CA LEU E 90 1.87 -8.61 21.43
C LEU E 90 0.43 -8.34 20.98
N SER E 91 0.15 -8.45 19.68
CA SER E 91 -1.13 -8.03 19.08
C SER E 91 -1.28 -8.60 17.66
N HIS E 92 -2.35 -8.18 16.98
CA HIS E 92 -2.54 -8.36 15.52
C HIS E 92 -1.97 -7.12 14.80
N GLY E 93 -1.59 -7.28 13.54
CA GLY E 93 -1.11 -6.17 12.69
C GLY E 93 -1.82 -6.16 11.34
N GLU E 94 -1.58 -5.12 10.56
CA GLU E 94 -2.09 -4.95 9.17
C GLU E 94 -1.14 -4.00 8.46
N GLY E 95 -0.45 -4.47 7.41
CA GLY E 95 0.63 -3.71 6.74
C GLY E 95 1.61 -3.17 7.76
N ASN E 96 1.78 -1.85 7.84
CA ASN E 96 2.75 -1.18 8.74
C ASN E 96 2.00 -0.63 9.96
N HIS E 97 0.97 -1.35 10.39
CA HIS E 97 0.08 -0.99 11.53
C HIS E 97 0.11 -2.12 12.56
N ILE E 98 0.05 -1.75 13.84
CA ILE E 98 -0.24 -2.65 14.99
C ILE E 98 -1.61 -2.27 15.55
N TYR E 99 -2.40 -3.24 15.99
CA TYR E 99 -3.75 -3.03 16.57
C TYR E 99 -3.62 -2.73 18.07
N ALA E 100 -4.25 -1.64 18.53
CA ALA E 100 -4.64 -1.41 19.94
C ALA E 100 -5.95 -2.18 20.16
N TYR E 101 -6.65 -1.93 21.27
CA TYR E 101 -7.92 -2.63 21.56
C TYR E 101 -8.96 -2.29 20.49
N ASP E 102 -8.98 -1.02 20.03
CA ASP E 102 -10.15 -0.41 19.34
C ASP E 102 -9.81 0.00 17.91
N ALA E 103 -8.53 0.09 17.55
CA ALA E 103 -8.09 0.66 16.27
C ALA E 103 -6.64 0.28 15.99
N LYS E 104 -6.18 0.47 14.76
CA LYS E 104 -4.77 0.20 14.37
C LYS E 104 -3.98 1.52 14.39
N ILE E 105 -2.68 1.40 14.66
CA ILE E 105 -1.72 2.54 14.73
C ILE E 105 -0.57 2.23 13.77
N GLU E 106 -0.15 3.23 13.00
CA GLU E 106 1.05 3.17 12.12
C GLU E 106 2.28 2.91 12.98
N ILE E 107 3.01 1.83 12.72
CA ILE E 107 4.21 1.42 13.52
C ILE E 107 5.22 2.58 13.51
N GLN E 108 5.35 3.28 12.38
CA GLN E 108 6.31 4.41 12.19
C GLN E 108 5.95 5.58 13.12
N THR E 109 4.67 5.76 13.49
CA THR E 109 4.26 6.77 14.52
C THR E 109 4.91 6.40 15.86
N LEU E 110 5.02 5.11 16.17
CA LEU E 110 5.49 4.60 17.48
C LEU E 110 7.02 4.63 17.54
N THR E 111 7.70 4.10 16.52
CA THR E 111 9.19 4.10 16.45
C THR E 111 9.70 5.53 16.30
N GLY E 112 8.95 6.39 15.59
CA GLY E 112 9.26 7.80 15.30
C GLY E 112 9.51 8.61 16.56
N LEU E 113 8.84 8.27 17.66
CA LEU E 113 8.96 8.94 18.98
C LEU E 113 10.38 8.76 19.56
N PHE E 114 11.14 7.75 19.10
CA PHE E 114 12.44 7.35 19.68
C PHE E 114 13.59 7.65 18.71
N LYS E 115 13.28 8.23 17.55
CA LYS E 115 14.32 8.71 16.61
C LYS E 115 15.11 9.82 17.29
N GLY E 116 16.37 10.00 16.87
CA GLY E 116 17.35 10.88 17.53
C GLY E 116 16.83 12.31 17.69
N ASP E 117 16.07 12.81 16.71
CA ASP E 117 15.55 14.20 16.67
C ASP E 117 14.38 14.35 17.63
N LYS E 118 13.71 13.26 18.04
CA LYS E 118 12.57 13.33 18.99
C LYS E 118 13.01 12.94 20.40
N CYS E 119 14.05 12.11 20.56
CA CYS E 119 14.45 11.51 21.87
C CYS E 119 15.97 11.59 22.05
N HIS E 120 16.47 12.76 22.46
CA HIS E 120 17.91 13.08 22.51
C HIS E 120 18.65 12.15 23.47
N SER E 121 18.01 11.75 24.58
CA SER E 121 18.67 10.95 25.64
C SER E 121 18.87 9.50 25.19
N LEU E 122 18.28 9.06 24.07
CA LEU E 122 18.55 7.70 23.51
C LEU E 122 19.46 7.78 22.26
N VAL E 123 19.94 8.96 21.89
CA VAL E 123 20.89 9.09 20.74
C VAL E 123 22.18 8.34 21.11
N GLY E 124 22.65 7.46 20.23
CA GLY E 124 23.84 6.62 20.46
C GLY E 124 23.51 5.33 21.19
N LYS E 125 22.26 5.11 21.57
CA LYS E 125 21.84 3.94 22.40
C LYS E 125 20.86 3.06 21.63
N PRO E 126 20.87 1.73 21.86
CA PRO E 126 19.96 0.82 21.17
C PRO E 126 18.48 1.06 21.50
N LYS E 127 17.65 1.13 20.45
CA LYS E 127 16.17 1.13 20.55
C LYS E 127 15.67 -0.16 19.92
N ILE E 128 15.20 -1.09 20.75
CA ILE E 128 14.81 -2.47 20.33
C ILE E 128 13.29 -2.56 20.33
N PHE E 129 12.68 -2.81 19.16
CA PHE E 129 11.24 -3.11 19.00
C PHE E 129 11.08 -4.61 18.72
N ILE E 130 10.22 -5.26 19.51
CA ILE E 130 9.85 -6.70 19.34
C ILE E 130 8.34 -6.77 19.05
N ILE E 131 7.95 -7.39 17.93
CA ILE E 131 6.54 -7.44 17.44
C ILE E 131 6.18 -8.90 17.11
N GLN E 132 5.40 -9.52 18.00
CA GLN E 132 4.62 -10.77 17.76
C GLN E 132 3.28 -10.38 17.12
N ALA E 133 3.21 -10.47 15.79
CA ALA E 133 2.01 -10.24 14.97
C ALA E 133 2.21 -10.98 13.64
N CYS E 134 1.14 -11.53 13.05
CA CYS E 134 1.13 -12.03 11.65
C CYS E 134 1.37 -10.82 10.74
N ARG E 135 2.02 -11.02 9.60
CA ARG E 135 2.34 -9.92 8.63
C ARG E 135 1.73 -10.24 7.26
N GLY E 136 0.73 -11.12 7.22
CA GLY E 136 0.05 -11.54 5.99
C GLY E 136 -0.75 -12.81 6.22
N ASN E 137 -1.16 -13.45 5.14
CA ASN E 137 -2.13 -14.57 5.16
C ASN E 137 -1.55 -15.77 4.42
N GLN E 138 -0.21 -15.87 4.33
CA GLN E 138 0.49 -17.02 3.69
C GLN E 138 1.18 -17.85 4.77
N HIS E 139 0.96 -19.16 4.75
CA HIS E 139 1.73 -20.14 5.57
C HIS E 139 3.00 -20.49 4.80
N ASP E 140 4.15 -20.48 5.47
CA ASP E 140 5.42 -20.95 4.87
C ASP E 140 5.40 -22.49 4.88
N VAL E 141 5.98 -23.11 3.85
CA VAL E 141 5.92 -24.58 3.62
C VAL E 141 7.24 -25.21 4.06
N PRO E 142 7.19 -26.46 4.58
CA PRO E 142 8.39 -27.18 4.99
C PRO E 142 9.18 -27.72 3.79
N VAL E 143 10.50 -27.75 3.95
CA VAL E 143 11.45 -28.32 2.94
C VAL E 143 12.57 -29.02 3.70
N ILE E 144 13.29 -29.91 3.00
CA ILE E 144 14.42 -30.69 3.54
C ILE E 144 15.62 -30.49 2.62
N PRO E 145 16.85 -30.44 3.17
CA PRO E 145 18.05 -30.32 2.33
C PRO E 145 18.14 -31.44 1.30
N LEU E 146 18.72 -31.13 0.14
CA LEU E 146 18.94 -32.09 -0.99
C LEU E 146 19.99 -33.12 -0.55
N ASP E 147 19.71 -34.42 -0.75
CA ASP E 147 20.45 -35.57 -0.18
C ASP E 147 20.03 -35.74 1.28
N VAL F 5 33.95 11.31 16.84
CA VAL F 5 32.83 12.10 17.43
C VAL F 5 31.98 12.68 16.29
N TYR F 6 31.87 11.93 15.20
CA TYR F 6 30.91 12.14 14.08
C TYR F 6 29.47 12.28 14.60
N THR F 7 28.59 12.84 13.75
CA THR F 7 27.13 12.89 13.99
C THR F 7 26.49 11.56 13.53
N LEU F 8 25.33 11.22 14.10
CA LEU F 8 24.59 9.98 13.79
C LEU F 8 23.35 10.32 12.97
N PRO F 9 22.89 9.42 12.07
CA PRO F 9 21.57 9.55 11.48
C PRO F 9 20.57 9.33 12.61
N ALA F 10 19.42 10.02 12.57
CA ALA F 10 18.39 10.01 13.64
C ALA F 10 17.70 8.64 13.66
N GLY F 11 17.77 7.87 12.56
CA GLY F 11 17.17 6.52 12.42
C GLY F 11 18.15 5.40 12.76
N ALA F 12 19.38 5.71 13.16
CA ALA F 12 20.43 4.71 13.49
C ALA F 12 20.14 4.11 14.86
N ASP F 13 20.71 2.93 15.13
CA ASP F 13 20.69 2.21 16.44
C ASP F 13 19.27 1.72 16.74
N PHE F 14 18.48 1.45 15.71
CA PHE F 14 17.18 0.75 15.83
C PHE F 14 17.37 -0.73 15.48
N LEU F 15 16.71 -1.60 16.24
CA LEU F 15 16.63 -3.05 15.94
C LEU F 15 15.16 -3.45 16.01
N MET F 16 14.59 -3.84 14.86
CA MET F 16 13.20 -4.31 14.74
C MET F 16 13.22 -5.83 14.68
N CYS F 17 12.63 -6.49 15.68
CA CYS F 17 12.59 -7.96 15.80
C CYS F 17 11.15 -8.42 15.57
N TYR F 18 10.90 -9.09 14.44
CA TYR F 18 9.56 -9.56 14.03
C TYR F 18 9.48 -11.07 14.22
N SER F 19 8.28 -11.55 14.57
CA SER F 19 7.95 -12.99 14.73
C SER F 19 8.05 -13.69 13.38
N VAL F 20 7.81 -12.97 12.28
CA VAL F 20 7.73 -13.57 10.92
C VAL F 20 8.15 -12.51 9.89
N ALA F 21 8.59 -12.93 8.71
CA ALA F 21 8.91 -12.04 7.58
C ALA F 21 7.59 -11.51 7.02
N GLU F 22 7.63 -10.37 6.34
CA GLU F 22 6.44 -9.70 5.75
C GLU F 22 5.66 -10.69 4.87
N GLY F 23 4.34 -10.73 5.00
CA GLY F 23 3.44 -11.50 4.11
C GLY F 23 3.08 -12.88 4.64
N TYR F 24 3.59 -13.28 5.82
CA TYR F 24 3.38 -14.64 6.37
C TYR F 24 2.59 -14.59 7.69
N TYR F 25 1.89 -15.71 7.98
CA TYR F 25 1.26 -16.01 9.29
C TYR F 25 2.32 -16.41 10.33
N SER F 26 2.11 -15.97 11.58
CA SER F 26 2.83 -16.40 12.80
C SER F 26 1.97 -17.45 13.53
N HIS F 27 2.58 -18.27 14.37
CA HIS F 27 1.91 -19.46 14.96
C HIS F 27 2.13 -19.49 16.48
N ARG F 28 1.45 -20.42 17.14
CA ARG F 28 1.38 -20.54 18.62
C ARG F 28 1.15 -22.00 19.01
N GLU F 29 1.53 -22.37 20.23
CA GLU F 29 1.05 -23.59 20.92
C GLU F 29 -0.39 -23.34 21.37
N THR F 30 -1.12 -24.38 21.75
CA THR F 30 -2.58 -24.33 22.05
C THR F 30 -2.88 -23.09 22.89
N VAL F 31 -2.33 -22.99 24.10
CA VAL F 31 -2.54 -21.85 25.04
C VAL F 31 -1.24 -21.48 25.78
N ASN F 32 -0.09 -22.09 25.42
CA ASN F 32 1.22 -21.87 26.10
C ASN F 32 1.94 -20.63 25.54
N GLY F 33 1.36 -19.97 24.53
CA GLY F 33 1.91 -18.74 23.94
C GLY F 33 2.40 -18.93 22.51
N SER F 34 2.94 -17.87 21.94
CA SER F 34 3.42 -17.82 20.53
C SER F 34 4.73 -18.60 20.42
N TRP F 35 4.97 -19.19 19.24
CA TRP F 35 6.26 -19.84 18.90
C TRP F 35 7.40 -18.86 19.18
N TYR F 36 7.29 -17.65 18.62
CA TYR F 36 8.40 -16.67 18.58
C TYR F 36 8.77 -16.26 20.00
N ILE F 37 7.79 -15.82 20.79
CA ILE F 37 8.07 -15.29 22.16
C ILE F 37 8.60 -16.42 23.06
N GLN F 38 8.06 -17.63 22.90
CA GLN F 38 8.50 -18.81 23.69
C GLN F 38 9.99 -19.07 23.44
N ASP F 39 10.37 -19.12 22.16
CA ASP F 39 11.76 -19.39 21.72
C ASP F 39 12.65 -18.20 22.05
N LEU F 40 12.15 -16.98 21.85
CA LEU F 40 12.91 -15.77 22.26
C LEU F 40 13.24 -15.88 23.74
N CYS F 41 12.24 -16.20 24.56
CA CYS F 41 12.37 -16.19 26.02
C CYS F 41 13.32 -17.31 26.47
N GLU F 42 13.23 -18.48 25.85
CA GLU F 42 14.14 -19.63 26.14
C GLU F 42 15.58 -19.17 25.88
N MET F 43 15.85 -18.61 24.70
CA MET F 43 17.21 -18.13 24.36
C MET F 43 17.61 -17.01 25.33
N LEU F 44 16.72 -16.09 25.70
CA LEU F 44 17.04 -15.04 26.71
C LEU F 44 17.44 -15.69 28.04
N GLY F 45 16.74 -16.75 28.47
CA GLY F 45 17.02 -17.45 29.73
C GLY F 45 18.41 -18.08 29.73
N LYS F 46 18.76 -18.76 28.64
CA LYS F 46 20.06 -19.48 28.51
C LYS F 46 21.20 -18.51 28.19
N TYR F 47 20.98 -17.55 27.30
CA TYR F 47 22.07 -16.81 26.59
C TYR F 47 21.95 -15.29 26.72
N GLY F 48 20.84 -14.76 27.23
CA GLY F 48 20.56 -13.31 27.27
C GLY F 48 21.73 -12.51 27.83
N SER F 49 22.38 -13.05 28.87
CA SER F 49 23.38 -12.32 29.71
C SER F 49 24.81 -12.48 29.16
N SER F 50 25.02 -13.31 28.12
CA SER F 50 26.37 -13.60 27.55
C SER F 50 26.45 -13.26 26.07
N LEU F 51 25.55 -13.76 25.22
CA LEU F 51 25.68 -13.69 23.74
C LEU F 51 25.36 -12.27 23.24
N GLU F 52 25.93 -11.91 22.10
CA GLU F 52 25.57 -10.68 21.35
C GLU F 52 24.10 -10.84 20.92
N PHE F 53 23.29 -9.79 21.06
CA PHE F 53 21.82 -9.91 20.99
C PHE F 53 21.37 -10.41 19.60
N THR F 54 21.96 -9.92 18.50
CA THR F 54 21.58 -10.35 17.12
C THR F 54 22.02 -11.80 16.90
N GLU F 55 23.12 -12.20 17.55
CA GLU F 55 23.63 -13.59 17.57
C GLU F 55 22.58 -14.49 18.25
N LEU F 56 22.01 -14.01 19.35
CA LEU F 56 20.89 -14.66 20.07
C LEU F 56 19.64 -14.67 19.17
N LEU F 57 19.29 -13.57 18.50
CA LEU F 57 18.08 -13.54 17.64
C LEU F 57 18.23 -14.53 16.47
N THR F 58 19.47 -14.87 16.08
CA THR F 58 19.75 -15.85 15.00
C THR F 58 19.41 -17.25 15.52
N LEU F 59 19.77 -17.55 16.78
CA LEU F 59 19.38 -18.80 17.49
C LEU F 59 17.86 -18.88 17.58
N VAL F 60 17.20 -17.76 17.87
CA VAL F 60 15.71 -17.67 17.91
C VAL F 60 15.19 -18.07 16.52
N ASN F 61 15.78 -17.54 15.45
CA ASN F 61 15.36 -17.91 14.08
C ASN F 61 15.49 -19.42 13.85
N ARG F 62 16.60 -20.04 14.31
CA ARG F 62 16.81 -21.50 14.12
C ARG F 62 15.79 -22.29 14.94
N LYS F 63 15.53 -21.88 16.18
CA LYS F 63 14.59 -22.60 17.07
C LYS F 63 13.18 -22.54 16.46
N VAL F 64 12.73 -21.35 16.03
CA VAL F 64 11.36 -21.19 15.45
C VAL F 64 11.26 -22.00 14.16
N SER F 65 12.33 -22.03 13.35
CA SER F 65 12.41 -22.77 12.06
C SER F 65 12.22 -24.28 12.27
N GLN F 66 12.45 -24.80 13.47
CA GLN F 66 12.35 -26.24 13.81
C GLN F 66 10.89 -26.65 14.07
N ARG F 67 10.02 -25.70 14.38
CA ARG F 67 8.60 -25.97 14.73
C ARG F 67 7.76 -26.27 13.47
N ARG F 68 6.66 -26.98 13.67
CA ARG F 68 5.60 -27.16 12.66
C ARG F 68 4.25 -27.05 13.37
N VAL F 69 3.21 -26.67 12.61
CA VAL F 69 1.80 -26.64 13.08
C VAL F 69 1.35 -28.10 13.18
N ASP F 70 0.97 -28.52 14.39
CA ASP F 70 0.50 -29.90 14.70
C ASP F 70 -1.04 -29.89 14.69
N PHE F 71 -1.66 -28.89 15.30
CA PHE F 71 -3.14 -28.76 15.42
C PHE F 71 -3.59 -27.39 14.93
N CYS F 72 -4.66 -27.36 14.13
CA CYS F 72 -5.26 -26.14 13.55
C CYS F 72 -6.61 -26.48 12.92
N LYS F 73 -7.58 -25.55 12.98
CA LYS F 73 -8.95 -25.72 12.42
C LYS F 73 -8.86 -25.76 10.88
N ASP F 74 -8.00 -24.92 10.31
CA ASP F 74 -7.63 -24.94 8.88
C ASP F 74 -6.69 -26.12 8.67
N PRO F 75 -7.13 -27.20 8.00
CA PRO F 75 -6.30 -28.40 7.84
C PRO F 75 -5.09 -28.17 6.91
N SER F 76 -5.14 -27.15 6.06
CA SER F 76 -4.07 -26.77 5.11
C SER F 76 -2.91 -26.10 5.85
N ALA F 77 -3.10 -25.69 7.11
CA ALA F 77 -2.05 -25.08 7.95
C ALA F 77 -1.23 -26.18 8.63
N ILE F 78 -1.74 -27.41 8.70
CA ILE F 78 -1.05 -28.50 9.43
C ILE F 78 0.31 -28.75 8.75
N GLY F 79 1.39 -28.82 9.54
CA GLY F 79 2.75 -29.04 9.07
C GLY F 79 3.40 -27.78 8.51
N LYS F 80 2.73 -26.63 8.58
CA LYS F 80 3.27 -25.34 8.08
C LYS F 80 4.34 -24.81 9.02
N LYS F 81 5.11 -23.83 8.53
CA LYS F 81 6.40 -23.41 9.13
C LYS F 81 6.44 -21.89 9.31
N GLN F 82 7.46 -21.45 10.04
CA GLN F 82 7.67 -20.03 10.38
C GLN F 82 9.17 -19.79 10.55
N VAL F 83 9.70 -18.76 9.88
CA VAL F 83 11.01 -18.14 10.23
C VAL F 83 10.73 -16.73 10.71
N PRO F 84 11.30 -16.29 11.85
CA PRO F 84 11.21 -14.88 12.25
C PRO F 84 12.15 -14.06 11.38
N CYS F 85 12.12 -12.76 11.57
CA CYS F 85 12.97 -11.79 10.81
C CYS F 85 13.33 -10.64 11.75
N PHE F 86 14.62 -10.37 11.95
CA PHE F 86 15.07 -9.14 12.64
C PHE F 86 15.79 -8.25 11.62
N ALA F 87 15.50 -6.95 11.69
CA ALA F 87 16.02 -5.88 10.82
C ALA F 87 16.90 -4.94 11.66
N SER F 88 18.21 -4.94 11.41
CA SER F 88 19.19 -4.22 12.24
C SER F 88 19.63 -2.93 11.57
N MET F 89 19.47 -1.81 12.29
CA MET F 89 20.14 -0.52 11.97
CA MET F 89 20.13 -0.52 11.97
C MET F 89 21.13 -0.20 13.09
N LEU F 90 21.56 -1.22 13.83
CA LEU F 90 22.58 -1.11 14.91
C LEU F 90 23.96 -0.87 14.31
N THR F 91 24.82 -0.18 15.04
CA THR F 91 26.16 0.27 14.59
C THR F 91 27.27 -0.37 15.45
N LYS F 92 26.88 -1.13 16.48
CA LYS F 92 27.82 -1.76 17.44
C LYS F 92 27.28 -3.11 17.92
N LYS F 93 28.14 -3.83 18.64
CA LYS F 93 27.79 -5.07 19.38
CA LYS F 93 27.78 -5.08 19.38
C LYS F 93 26.92 -4.71 20.59
N LEU F 94 25.85 -5.49 20.80
CA LEU F 94 24.87 -5.30 21.90
C LEU F 94 24.92 -6.53 22.81
N HIS F 95 25.38 -6.34 24.06
CA HIS F 95 25.40 -7.36 25.13
C HIS F 95 24.61 -6.84 26.32
N PHE F 96 23.96 -7.76 27.03
CA PHE F 96 23.25 -7.50 28.30
C PHE F 96 23.97 -8.21 29.45
N PHE F 97 25.26 -7.92 29.65
CA PHE F 97 26.07 -8.50 30.77
C PHE F 97 25.45 -8.09 32.09
N PRO F 98 25.52 -8.92 33.15
CA PRO F 98 25.02 -8.54 34.48
C PRO F 98 25.64 -7.19 34.90
N LYS F 99 24.84 -6.25 35.42
CA LYS F 99 25.27 -4.84 35.66
C LYS F 99 25.89 -4.70 37.06
N PHE G 2 22.07 -28.62 20.73
CA PHE G 2 21.86 -27.27 20.12
C PHE G 2 23.08 -26.37 20.35
N ASP G 3 23.87 -26.12 19.30
CA ASP G 3 25.17 -25.43 19.38
C ASP G 3 25.00 -23.96 19.00
N PRO G 4 25.08 -23.01 19.96
CA PRO G 4 24.95 -21.59 19.66
C PRO G 4 26.01 -21.03 18.70
N ALA G 5 27.14 -21.73 18.52
CA ALA G 5 28.26 -21.32 17.65
C ALA G 5 28.14 -21.95 16.25
N GLU G 6 27.01 -22.60 15.95
N GLU G 6 26.99 -22.56 15.93
CA GLU G 6 26.84 -23.37 14.68
CA GLU G 6 26.79 -23.32 14.67
C GLU G 6 27.00 -22.44 13.47
C GLU G 6 27.02 -22.39 13.47
N LYS G 7 27.79 -22.86 12.50
CA LYS G 7 28.10 -22.13 11.24
C LYS G 7 27.41 -22.87 10.09
N TYR G 8 27.04 -22.14 9.03
CA TYR G 8 26.65 -22.75 7.75
C TYR G 8 27.84 -23.56 7.25
N LYS G 9 27.60 -24.75 6.71
CA LYS G 9 28.56 -25.57 5.93
C LYS G 9 29.06 -24.75 4.73
N MET G 10 30.35 -24.44 4.66
CA MET G 10 30.93 -23.56 3.60
C MET G 10 32.19 -24.20 3.01
N ASP G 11 32.18 -25.53 2.90
CA ASP G 11 33.32 -26.36 2.42
C ASP G 11 32.88 -27.10 1.15
N HIS G 12 31.93 -26.54 0.40
CA HIS G 12 31.49 -27.09 -0.92
C HIS G 12 32.58 -26.77 -1.94
N ARG G 13 32.55 -27.47 -3.07
CA ARG G 13 33.54 -27.33 -4.17
C ARG G 13 33.64 -25.85 -4.59
N ARG G 14 32.50 -25.16 -4.70
CA ARG G 14 32.42 -23.74 -5.14
CA ARG G 14 32.43 -23.74 -5.14
C ARG G 14 31.82 -22.87 -4.03
N ARG G 15 32.20 -21.60 -3.99
CA ARG G 15 31.53 -20.59 -3.12
C ARG G 15 30.09 -20.42 -3.62
N GLY G 16 29.94 -20.22 -4.92
CA GLY G 16 28.65 -20.02 -5.58
C GLY G 16 28.68 -18.80 -6.47
N ILE G 17 27.51 -18.42 -6.98
CA ILE G 17 27.32 -17.31 -7.94
C ILE G 17 26.98 -16.04 -7.14
N ALA G 18 27.56 -14.92 -7.54
CA ALA G 18 27.10 -13.57 -7.20
C ALA G 18 26.57 -12.92 -8.48
N LEU G 19 25.25 -12.78 -8.58
CA LEU G 19 24.53 -12.03 -9.66
C LEU G 19 24.51 -10.54 -9.33
N ILE G 20 25.02 -9.68 -10.21
CA ILE G 20 24.97 -8.20 -10.06
C ILE G 20 24.14 -7.62 -11.23
N PHE G 21 23.00 -7.03 -10.90
CA PHE G 21 22.15 -6.28 -11.87
C PHE G 21 22.46 -4.81 -11.68
N ASN G 22 23.16 -4.21 -12.64
CA ASN G 22 23.68 -2.82 -12.57
C ASN G 22 22.87 -1.98 -13.56
N HIS G 23 22.16 -0.97 -13.05
CA HIS G 23 21.25 -0.09 -13.82
C HIS G 23 21.77 1.34 -13.71
N GLU G 24 22.39 1.86 -14.78
CA GLU G 24 22.92 3.25 -14.82
C GLU G 24 21.88 4.21 -15.42
N ARG G 25 21.22 3.78 -16.51
CA ARG G 25 20.24 4.61 -17.26
C ARG G 25 18.92 3.85 -17.36
N PHE G 26 17.82 4.58 -17.53
CA PHE G 26 16.46 4.02 -17.57
C PHE G 26 15.72 4.56 -18.80
N PHE G 27 14.78 3.74 -19.29
CA PHE G 27 13.86 4.08 -20.40
C PHE G 27 13.30 5.48 -20.15
N TRP G 28 13.47 6.37 -21.13
CA TRP G 28 13.25 7.83 -21.01
C TRP G 28 11.90 8.14 -20.36
N HIS G 29 10.85 7.38 -20.71
CA HIS G 29 9.45 7.63 -20.27
C HIS G 29 9.23 7.22 -18.80
N LEU G 30 10.23 6.65 -18.12
CA LEU G 30 10.17 6.35 -16.67
C LEU G 30 10.49 7.60 -15.85
N THR G 31 11.16 8.59 -16.47
CA THR G 31 11.61 9.85 -15.82
C THR G 31 12.37 9.50 -14.53
N LEU G 32 13.41 8.69 -14.66
CA LEU G 32 14.27 8.27 -13.52
C LEU G 32 15.66 8.83 -13.74
N PRO G 33 16.27 9.46 -12.71
CA PRO G 33 17.62 10.01 -12.87
C PRO G 33 18.64 8.90 -13.16
N GLU G 34 19.65 9.25 -13.97
CA GLU G 34 20.81 8.39 -14.28
C GLU G 34 21.57 8.12 -12.98
N ARG G 35 22.17 6.94 -12.84
CA ARG G 35 22.88 6.51 -11.60
C ARG G 35 24.38 6.53 -11.89
N ARG G 36 24.89 7.72 -12.17
CA ARG G 36 26.34 8.00 -12.41
C ARG G 36 27.13 7.57 -11.16
N GLY G 37 28.15 6.74 -11.36
CA GLY G 37 28.98 6.17 -10.28
C GLY G 37 28.64 4.72 -10.00
N THR G 38 27.52 4.19 -10.51
CA THR G 38 27.10 2.77 -10.28
C THR G 38 28.15 1.81 -10.84
N CYS G 39 28.83 2.18 -11.94
CA CYS G 39 29.88 1.34 -12.59
C CYS G 39 31.04 1.08 -11.62
N ALA G 40 31.45 2.11 -10.85
CA ALA G 40 32.44 1.99 -9.75
C ALA G 40 31.95 0.97 -8.72
N ASP G 41 30.67 1.08 -8.29
CA ASP G 41 30.05 0.12 -7.34
C ASP G 41 30.10 -1.30 -7.92
N ARG G 42 29.71 -1.46 -9.17
CA ARG G 42 29.67 -2.79 -9.84
C ARG G 42 31.06 -3.42 -9.82
N ASP G 43 32.07 -2.67 -10.27
CA ASP G 43 33.49 -3.12 -10.40
C ASP G 43 34.05 -3.44 -9.01
N ASN G 44 33.76 -2.58 -8.02
CA ASN G 44 34.21 -2.70 -6.61
C ASN G 44 33.63 -4.00 -6.03
N LEU G 45 32.32 -4.24 -6.18
CA LEU G 45 31.63 -5.47 -5.70
C LEU G 45 32.18 -6.70 -6.44
N THR G 46 32.52 -6.55 -7.73
CA THR G 46 33.06 -7.64 -8.57
C THR G 46 34.40 -8.11 -8.00
N ARG G 47 35.31 -7.17 -7.71
CA ARG G 47 36.65 -7.48 -7.15
C ARG G 47 36.46 -8.17 -5.80
N ARG G 48 35.67 -7.56 -4.90
CA ARG G 48 35.54 -8.01 -3.49
C ARG G 48 34.91 -9.41 -3.45
N PHE G 49 33.83 -9.65 -4.19
CA PHE G 49 33.13 -10.98 -4.16
C PHE G 49 34.01 -12.03 -4.86
N SER G 50 34.73 -11.65 -5.93
CA SER G 50 35.67 -12.56 -6.63
C SER G 50 36.75 -13.03 -5.64
N ASP G 51 37.29 -12.13 -4.82
CA ASP G 51 38.36 -12.46 -3.84
C ASP G 51 37.81 -13.37 -2.74
N LEU G 52 36.49 -13.40 -2.52
CA LEU G 52 35.85 -14.30 -1.51
C LEU G 52 35.42 -15.63 -2.16
N GLY G 53 35.76 -15.84 -3.44
CA GLY G 53 35.59 -17.14 -4.12
C GLY G 53 34.33 -17.22 -4.99
N PHE G 54 33.53 -16.17 -5.09
CA PHE G 54 32.28 -16.14 -5.89
C PHE G 54 32.60 -16.10 -7.39
N GLU G 55 31.78 -16.78 -8.18
CA GLU G 55 31.68 -16.60 -9.65
C GLU G 55 30.77 -15.39 -9.89
N VAL G 56 31.35 -14.23 -10.20
CA VAL G 56 30.57 -12.98 -10.32
C VAL G 56 30.04 -12.87 -11.76
N LYS G 57 28.72 -12.72 -11.91
CA LYS G 57 28.05 -12.59 -13.22
C LYS G 57 27.35 -11.24 -13.23
N CYS G 58 27.84 -10.29 -14.02
N CYS G 58 27.83 -10.34 -14.08
CA CYS G 58 27.31 -8.91 -14.11
CA CYS G 58 27.31 -8.96 -14.19
C CYS G 58 26.43 -8.77 -15.37
C CYS G 58 26.36 -8.86 -15.39
N PHE G 59 25.33 -8.05 -15.25
CA PHE G 59 24.37 -7.70 -16.33
C PHE G 59 24.04 -6.21 -16.19
N ASN G 60 24.27 -5.44 -17.26
CA ASN G 60 24.09 -3.97 -17.26
C ASN G 60 22.80 -3.63 -18.00
N ASP G 61 21.95 -2.81 -17.35
CA ASP G 61 20.76 -2.15 -17.93
C ASP G 61 19.83 -3.18 -18.60
N LEU G 62 19.64 -4.35 -18.00
CA LEU G 62 18.67 -5.37 -18.52
C LEU G 62 17.25 -4.80 -18.41
N LYS G 63 16.44 -5.06 -19.43
CA LYS G 63 14.97 -4.89 -19.42
C LYS G 63 14.37 -6.02 -18.59
N ALA G 64 13.14 -5.83 -18.11
CA ALA G 64 12.43 -6.72 -17.17
C ALA G 64 12.46 -8.17 -17.67
N GLU G 65 12.16 -8.37 -18.95
CA GLU G 65 12.11 -9.72 -19.57
C GLU G 65 13.47 -10.43 -19.41
N GLU G 66 14.56 -9.72 -19.76
CA GLU G 66 15.95 -10.25 -19.74
C GLU G 66 16.34 -10.60 -18.30
N LEU G 67 16.11 -9.65 -17.37
CA LEU G 67 16.45 -9.80 -15.93
C LEU G 67 15.73 -11.01 -15.36
N LEU G 68 14.42 -11.15 -15.65
CA LEU G 68 13.58 -12.25 -15.13
C LEU G 68 14.03 -13.59 -15.73
N LEU G 69 14.40 -13.63 -17.01
CA LEU G 69 14.94 -14.85 -17.66
C LEU G 69 16.25 -15.23 -16.96
N LYS G 70 17.19 -14.28 -16.85
CA LYS G 70 18.55 -14.55 -16.30
C LYS G 70 18.42 -15.07 -14.86
N ILE G 71 17.64 -14.40 -14.01
CA ILE G 71 17.54 -14.77 -12.58
C ILE G 71 16.77 -16.10 -12.45
N HIS G 72 15.73 -16.32 -13.25
CA HIS G 72 15.01 -17.63 -13.27
C HIS G 72 16.01 -18.74 -13.62
N GLU G 73 16.85 -18.51 -14.63
CA GLU G 73 17.89 -19.47 -15.10
C GLU G 73 18.76 -19.89 -13.91
N VAL G 74 19.36 -18.92 -13.22
CA VAL G 74 20.28 -19.17 -12.07
C VAL G 74 19.52 -19.92 -10.96
N SER G 75 18.24 -19.62 -10.76
CA SER G 75 17.38 -20.27 -9.74
C SER G 75 17.14 -21.76 -10.09
N THR G 76 17.25 -22.15 -11.37
CA THR G 76 16.90 -23.51 -11.85
C THR G 76 18.16 -24.35 -12.11
N VAL G 77 19.36 -23.77 -12.13
CA VAL G 77 20.62 -24.56 -12.19
C VAL G 77 20.91 -25.12 -10.79
N SER G 78 21.67 -26.21 -10.74
CA SER G 78 22.09 -26.88 -9.48
C SER G 78 23.14 -26.01 -8.78
N HIS G 79 22.89 -25.74 -7.49
CA HIS G 79 23.81 -25.08 -6.53
C HIS G 79 24.31 -26.09 -5.51
N ALA G 80 24.10 -27.40 -5.78
CA ALA G 80 24.38 -28.51 -4.85
C ALA G 80 25.85 -28.50 -4.42
N ASP G 81 26.76 -28.11 -5.31
CA ASP G 81 28.21 -28.02 -5.04
C ASP G 81 28.63 -26.58 -4.73
N ALA G 82 27.71 -25.72 -4.30
CA ALA G 82 27.96 -24.30 -3.95
C ALA G 82 27.61 -24.08 -2.47
N ASP G 83 28.35 -23.17 -1.81
CA ASP G 83 28.14 -22.77 -0.39
C ASP G 83 26.87 -21.94 -0.26
N CYS G 84 26.67 -20.99 -1.18
CA CYS G 84 25.63 -19.96 -0.99
C CYS G 84 25.33 -19.28 -2.32
N PHE G 85 24.37 -18.36 -2.30
CA PHE G 85 23.92 -17.57 -3.47
C PHE G 85 23.87 -16.08 -3.07
N VAL G 86 24.47 -15.21 -3.89
CA VAL G 86 24.45 -13.73 -3.71
C VAL G 86 23.80 -13.09 -4.93
N CYS G 87 22.89 -12.13 -4.71
CA CYS G 87 22.18 -11.36 -5.75
C CYS G 87 22.22 -9.88 -5.39
N VAL G 88 22.86 -9.04 -6.21
CA VAL G 88 22.97 -7.57 -5.99
C VAL G 88 22.12 -6.82 -7.02
N PHE G 89 21.28 -5.88 -6.56
CA PHE G 89 20.55 -4.92 -7.41
C PHE G 89 21.10 -3.51 -7.14
N LEU G 90 21.66 -2.89 -8.17
CA LEU G 90 22.09 -1.47 -8.18
C LEU G 90 21.14 -0.71 -9.12
N SER G 91 20.13 -0.06 -8.56
CA SER G 91 19.01 0.53 -9.33
C SER G 91 18.19 1.48 -8.47
N HIS G 92 17.09 1.98 -9.02
CA HIS G 92 16.02 2.69 -8.28
C HIS G 92 14.96 1.67 -7.86
N GLY G 93 14.22 1.97 -6.79
CA GLY G 93 13.12 1.15 -6.28
C GLY G 93 11.86 1.96 -6.09
N GLU G 94 10.74 1.29 -5.84
CA GLU G 94 9.44 1.90 -5.46
C GLU G 94 8.69 0.85 -4.62
N GLY G 95 8.42 1.15 -3.35
CA GLY G 95 7.84 0.20 -2.40
C GLY G 95 8.63 -1.11 -2.40
N ASN G 96 8.00 -2.22 -2.73
CA ASN G 96 8.64 -3.57 -2.73
C ASN G 96 8.99 -3.95 -4.17
N HIS G 97 9.37 -2.97 -4.98
CA HIS G 97 9.72 -3.11 -6.42
C HIS G 97 11.14 -2.60 -6.63
N ILE G 98 11.87 -3.26 -7.52
CA ILE G 98 13.16 -2.79 -8.11
C ILE G 98 12.89 -2.46 -9.57
N TYR G 99 13.51 -1.40 -10.10
CA TYR G 99 13.40 -1.00 -11.53
C TYR G 99 14.42 -1.78 -12.36
N ALA G 100 13.95 -2.42 -13.44
CA ALA G 100 14.77 -2.81 -14.61
C ALA G 100 14.91 -1.56 -15.50
N TYR G 101 15.40 -1.72 -16.73
CA TYR G 101 15.63 -0.57 -17.64
C TYR G 101 14.28 0.10 -17.94
N ASP G 102 13.22 -0.70 -18.12
CA ASP G 102 11.97 -0.29 -18.80
C ASP G 102 10.76 -0.31 -17.84
N ALA G 103 10.86 -0.99 -16.70
CA ALA G 103 9.69 -1.23 -15.82
C ALA G 103 10.16 -1.70 -14.45
N LYS G 104 9.24 -1.71 -13.47
CA LYS G 104 9.55 -2.17 -12.10
C LYS G 104 9.10 -3.63 -11.94
N ILE G 105 9.78 -4.37 -11.05
CA ILE G 105 9.51 -5.80 -10.73
C ILE G 105 9.35 -5.91 -9.21
N GLU G 106 8.35 -6.66 -8.75
CA GLU G 106 8.12 -7.02 -7.32
C GLU G 106 9.33 -7.79 -6.80
N ILE G 107 10.01 -7.28 -5.77
CA ILE G 107 11.22 -7.93 -5.17
C ILE G 107 10.86 -9.37 -4.74
N GLN G 108 9.64 -9.59 -4.23
CA GLN G 108 9.15 -10.91 -3.76
C GLN G 108 9.10 -11.92 -4.93
N THR G 109 8.88 -11.46 -6.16
CA THR G 109 8.94 -12.34 -7.37
CA THR G 109 8.94 -12.34 -7.37
C THR G 109 10.37 -12.86 -7.53
N LEU G 110 11.38 -12.04 -7.21
CA LEU G 110 12.81 -12.35 -7.42
C LEU G 110 13.34 -13.26 -6.29
N THR G 111 13.08 -12.91 -5.03
CA THR G 111 13.51 -13.72 -3.86
C THR G 111 12.74 -15.05 -3.84
N GLY G 112 11.48 -15.04 -4.30
CA GLY G 112 10.59 -16.21 -4.35
C GLY G 112 11.17 -17.36 -5.17
N LEU G 113 11.98 -17.05 -6.20
CA LEU G 113 12.65 -18.06 -7.08
C LEU G 113 13.66 -18.90 -6.28
N PHE G 114 14.11 -18.43 -5.12
CA PHE G 114 15.20 -19.06 -4.33
C PHE G 114 14.66 -19.64 -3.02
N LYS G 115 13.36 -19.55 -2.79
CA LYS G 115 12.73 -20.20 -1.62
C LYS G 115 12.91 -21.71 -1.75
N GLY G 116 12.91 -22.43 -0.62
CA GLY G 116 13.23 -23.86 -0.53
C GLY G 116 12.38 -24.71 -1.47
N ASP G 117 11.11 -24.35 -1.67
CA ASP G 117 10.13 -25.10 -2.49
C ASP G 117 10.40 -24.86 -3.98
N LYS G 118 11.10 -23.78 -4.35
CA LYS G 118 11.42 -23.47 -5.77
C LYS G 118 12.86 -23.87 -6.11
N CYS G 119 13.77 -23.89 -5.13
CA CYS G 119 15.23 -24.06 -5.37
C CYS G 119 15.82 -25.04 -4.35
N HIS G 120 15.65 -26.33 -4.62
CA HIS G 120 15.94 -27.42 -3.65
C HIS G 120 17.43 -27.43 -3.30
N SER G 121 18.30 -27.14 -4.27
CA SER G 121 19.77 -27.24 -4.10
C SER G 121 20.30 -26.10 -3.22
N LEU G 122 19.50 -25.07 -2.90
CA LEU G 122 19.94 -24.00 -1.94
C LEU G 122 19.24 -24.17 -0.59
N VAL G 123 18.44 -25.22 -0.38
CA VAL G 123 17.80 -25.50 0.94
C VAL G 123 18.92 -25.72 1.97
N GLY G 124 18.83 -25.01 3.10
CA GLY G 124 19.83 -25.06 4.18
C GLY G 124 21.01 -24.15 3.94
N LYS G 125 21.05 -23.43 2.83
CA LYS G 125 22.20 -22.58 2.42
C LYS G 125 21.79 -21.11 2.35
N PRO G 126 22.69 -20.18 2.70
CA PRO G 126 22.36 -18.75 2.69
C PRO G 126 22.00 -18.20 1.30
N LYS G 127 20.90 -17.46 1.23
CA LYS G 127 20.51 -16.67 0.03
C LYS G 127 20.59 -15.19 0.41
N ILE G 128 21.59 -14.48 -0.10
CA ILE G 128 21.94 -13.08 0.32
C ILE G 128 21.53 -12.14 -0.81
N PHE G 129 20.59 -11.24 -0.54
CA PHE G 129 20.16 -10.13 -1.43
C PHE G 129 20.74 -8.81 -0.91
N ILE G 130 21.43 -8.08 -1.78
CA ILE G 130 21.96 -6.71 -1.50
C ILE G 130 21.29 -5.73 -2.47
N ILE G 131 20.66 -4.67 -1.94
CA ILE G 131 19.92 -3.67 -2.74
C ILE G 131 20.37 -2.25 -2.36
N GLN G 132 21.17 -1.63 -3.25
CA GLN G 132 21.44 -0.17 -3.31
C GLN G 132 20.30 0.51 -4.11
N ALA G 133 19.32 1.06 -3.39
CA ALA G 133 18.16 1.81 -3.92
C ALA G 133 17.61 2.70 -2.79
N CYS G 134 17.07 3.88 -3.13
CA CYS G 134 16.31 4.73 -2.18
C CYS G 134 15.04 3.97 -1.81
N ARG G 135 14.54 4.15 -0.59
CA ARG G 135 13.32 3.48 -0.08
C ARG G 135 12.30 4.54 0.39
N GLY G 136 12.45 5.79 -0.07
CA GLY G 136 11.47 6.87 0.15
C GLY G 136 12.03 8.21 -0.25
N ASN G 137 11.46 9.31 0.27
CA ASN G 137 11.76 10.68 -0.20
C ASN G 137 12.14 11.56 1.00
N GLN G 138 12.64 10.97 2.08
CA GLN G 138 13.11 11.72 3.29
C GLN G 138 14.63 11.58 3.40
N HIS G 139 15.32 12.68 3.68
CA HIS G 139 16.71 12.68 4.19
C HIS G 139 16.65 12.47 5.70
N ASP G 140 17.45 11.56 6.26
CA ASP G 140 17.60 11.39 7.72
C ASP G 140 18.47 12.54 8.24
N VAL G 141 18.18 13.03 9.46
CA VAL G 141 18.76 14.27 10.03
C VAL G 141 19.87 13.92 11.02
N PRO G 142 20.92 14.76 11.13
CA PRO G 142 22.05 14.49 12.03
C PRO G 142 21.71 14.78 13.49
N VAL G 143 22.26 13.98 14.40
CA VAL G 143 22.02 14.09 15.86
C VAL G 143 23.31 13.67 16.56
N ILE G 144 23.47 14.10 17.81
CA ILE G 144 24.72 13.94 18.59
C ILE G 144 24.36 13.41 19.96
N PRO G 145 25.15 12.46 20.53
CA PRO G 145 24.86 11.93 21.85
C PRO G 145 24.81 13.05 22.92
N LEU G 146 23.95 12.89 23.92
CA LEU G 146 23.79 13.85 25.05
C LEU G 146 25.07 13.81 25.91
N ASP G 147 25.69 12.64 26.03
CA ASP G 147 26.71 12.26 27.06
C ASP G 147 27.94 13.17 26.98
N VAL G 148 28.30 13.70 25.81
CA VAL G 148 29.53 14.52 25.61
C VAL G 148 29.28 15.93 26.15
N SER H 4 18.21 -31.15 11.18
CA SER H 4 18.65 -32.53 10.82
C SER H 4 17.50 -33.52 11.07
N VAL H 5 16.83 -33.39 12.21
CA VAL H 5 15.60 -34.18 12.56
C VAL H 5 14.36 -33.37 12.13
N TYR H 6 14.52 -32.05 11.90
CA TYR H 6 13.41 -31.08 11.66
C TYR H 6 13.38 -30.68 10.19
N THR H 7 12.21 -30.25 9.70
CA THR H 7 12.04 -29.56 8.40
C THR H 7 12.35 -28.06 8.56
N LEU H 8 12.69 -27.40 7.46
CA LEU H 8 12.97 -25.94 7.42
C LEU H 8 11.80 -25.21 6.76
N PRO H 9 11.52 -23.96 7.19
CA PRO H 9 10.60 -23.11 6.44
C PRO H 9 11.29 -22.82 5.11
N ALA H 10 10.51 -22.68 4.03
CA ALA H 10 11.03 -22.39 2.67
C ALA H 10 11.60 -20.97 2.63
N GLY H 11 11.19 -20.09 3.55
CA GLY H 11 11.61 -18.68 3.64
C GLY H 11 12.80 -18.47 4.58
N ALA H 12 13.32 -19.54 5.19
CA ALA H 12 14.48 -19.48 6.11
C ALA H 12 15.76 -19.30 5.30
N ASP H 13 16.81 -18.81 5.98
CA ASP H 13 18.20 -18.66 5.47
C ASP H 13 18.24 -17.59 4.37
N PHE H 14 17.34 -16.60 4.43
CA PHE H 14 17.40 -15.37 3.60
C PHE H 14 18.03 -14.24 4.43
N LEU H 15 18.87 -13.45 3.78
CA LEU H 15 19.46 -12.21 4.35
C LEU H 15 19.27 -11.10 3.32
N MET H 16 18.44 -10.10 3.67
CA MET H 16 18.14 -8.94 2.82
C MET H 16 18.96 -7.76 3.34
N CYS H 17 19.90 -7.25 2.53
CA CYS H 17 20.82 -6.16 2.93
C CYS H 17 20.46 -4.90 2.14
N TYR H 18 19.92 -3.89 2.80
CA TYR H 18 19.44 -2.63 2.16
C TYR H 18 20.42 -1.48 2.47
N SER H 19 20.59 -0.58 1.50
CA SER H 19 21.43 0.63 1.62
C SER H 19 20.85 1.60 2.67
N VAL H 20 19.53 1.54 2.86
CA VAL H 20 18.83 2.49 3.76
CA VAL H 20 18.78 2.51 3.72
C VAL H 20 17.58 1.79 4.34
N ALA H 21 17.12 2.26 5.48
CA ALA H 21 15.86 1.81 6.12
C ALA H 21 14.70 2.36 5.28
N GLU H 22 13.54 1.73 5.38
CA GLU H 22 12.31 2.08 4.61
C GLU H 22 11.99 3.58 4.82
N GLY H 23 11.69 4.29 3.74
CA GLY H 23 11.17 5.68 3.79
C GLY H 23 12.24 6.75 3.63
N TYR H 24 13.52 6.36 3.47
CA TYR H 24 14.66 7.30 3.42
C TYR H 24 15.35 7.27 2.06
N TYR H 25 15.98 8.39 1.71
CA TYR H 25 16.95 8.57 0.61
C TYR H 25 18.29 7.90 0.95
N SER H 26 18.91 7.28 -0.05
CA SER H 26 20.31 6.79 -0.04
C SER H 26 21.18 7.83 -0.77
N HIS H 27 22.48 7.83 -0.51
CA HIS H 27 23.41 8.89 -0.97
C HIS H 27 24.64 8.25 -1.62
N ARG H 28 25.45 9.12 -2.23
CA ARG H 28 26.62 8.75 -3.06
C ARG H 28 27.66 9.87 -2.97
N GLU H 29 28.92 9.52 -3.25
CA GLU H 29 29.98 10.51 -3.56
C GLU H 29 29.71 11.03 -4.97
N THR H 30 30.34 12.13 -5.34
CA THR H 30 30.28 12.73 -6.69
C THR H 30 30.26 11.61 -7.75
N VAL H 31 31.32 10.80 -7.84
CA VAL H 31 31.54 9.88 -8.99
C VAL H 31 32.04 8.50 -8.55
N ASN H 32 32.41 8.32 -7.27
CA ASN H 32 33.13 7.11 -6.79
C ASN H 32 32.13 6.02 -6.39
N GLY H 33 30.81 6.28 -6.51
CA GLY H 33 29.74 5.31 -6.22
C GLY H 33 28.95 5.67 -4.96
N SER H 34 28.08 4.75 -4.54
CA SER H 34 27.15 4.92 -3.40
C SER H 34 27.95 4.82 -2.10
N TRP H 35 27.50 5.54 -1.07
CA TRP H 35 27.99 5.42 0.33
C TRP H 35 27.99 3.94 0.74
N TYR H 36 26.83 3.28 0.60
CA TYR H 36 26.59 1.92 1.12
C TYR H 36 27.58 0.93 0.47
N ILE H 37 27.62 0.90 -0.86
CA ILE H 37 28.44 -0.12 -1.59
C ILE H 37 29.93 0.15 -1.31
N GLN H 38 30.33 1.43 -1.25
CA GLN H 38 31.73 1.81 -0.98
C GLN H 38 32.17 1.25 0.38
N ASP H 39 31.36 1.50 1.40
CA ASP H 39 31.62 1.05 2.80
C ASP H 39 31.47 -0.46 2.88
N LEU H 40 30.47 -1.04 2.22
CA LEU H 40 30.33 -2.52 2.16
C LEU H 40 31.61 -3.12 1.60
N CYS H 41 32.10 -2.56 0.50
CA CYS H 41 33.27 -3.11 -0.23
C CYS H 41 34.54 -2.96 0.61
N GLU H 42 34.70 -1.81 1.28
CA GLU H 42 35.86 -1.57 2.19
C GLU H 42 35.84 -2.65 3.28
N MET H 43 34.70 -2.83 3.95
CA MET H 43 34.59 -3.87 5.01
C MET H 43 34.83 -5.26 4.41
N LEU H 44 34.30 -5.56 3.22
CA LEU H 44 34.58 -6.87 2.56
C LEU H 44 36.09 -7.04 2.33
N GLY H 45 36.80 -5.97 1.93
CA GLY H 45 38.25 -6.02 1.65
C GLY H 45 39.04 -6.34 2.91
N LYS H 46 38.71 -5.66 4.00
CA LYS H 46 39.43 -5.79 5.30
C LYS H 46 38.99 -7.08 6.03
N TYR H 47 37.69 -7.39 6.04
CA TYR H 47 37.08 -8.33 7.02
C TYR H 47 36.29 -9.46 6.36
N GLY H 48 36.04 -9.41 5.04
CA GLY H 48 35.15 -10.35 4.35
C GLY H 48 35.49 -11.80 4.66
N SER H 49 36.79 -12.11 4.74
CA SER H 49 37.33 -13.50 4.83
C SER H 49 37.46 -13.99 6.28
N SER H 50 37.20 -13.15 7.29
CA SER H 50 37.37 -13.48 8.72
C SER H 50 36.07 -13.30 9.52
N LEU H 51 35.43 -12.13 9.45
CA LEU H 51 34.28 -11.80 10.34
C LEU H 51 33.01 -12.53 9.91
N GLU H 52 32.10 -12.73 10.85
CA GLU H 52 30.72 -13.20 10.59
C GLU H 52 30.03 -12.12 9.74
N PHE H 53 29.28 -12.51 8.70
CA PHE H 53 28.82 -11.55 7.67
C PHE H 53 27.92 -10.46 8.27
N THR H 54 26.99 -10.81 9.17
CA THR H 54 26.08 -9.82 9.81
C THR H 54 26.89 -8.89 10.73
N GLU H 55 27.95 -9.43 11.34
CA GLU H 55 28.92 -8.70 12.19
C GLU H 55 29.61 -7.64 11.30
N LEU H 56 29.99 -8.03 10.09
CA LEU H 56 30.54 -7.14 9.05
C LEU H 56 29.47 -6.12 8.61
N LEU H 57 28.23 -6.53 8.35
CA LEU H 57 27.15 -5.59 7.90
C LEU H 57 26.87 -4.55 8.99
N THR H 58 27.16 -4.87 10.27
CA THR H 58 26.98 -3.93 11.40
C THR H 58 28.06 -2.85 11.30
N LEU H 59 29.30 -3.23 10.99
CA LEU H 59 30.43 -2.30 10.71
C LEU H 59 30.07 -1.42 9.52
N VAL H 60 29.45 -1.98 8.49
CA VAL H 60 28.96 -1.21 7.31
C VAL H 60 27.97 -0.15 7.81
N ASN H 61 27.04 -0.53 8.68
CA ASN H 61 26.05 0.42 9.26
C ASN H 61 26.78 1.56 9.97
N ARG H 62 27.82 1.26 10.76
CA ARG H 62 28.57 2.29 11.52
C ARG H 62 29.32 3.22 10.54
N LYS H 63 29.95 2.66 9.53
CA LYS H 63 30.74 3.45 8.55
C LYS H 63 29.80 4.39 7.80
N VAL H 64 28.67 3.90 7.30
CA VAL H 64 27.70 4.73 6.52
C VAL H 64 27.12 5.82 7.43
N SER H 65 26.86 5.52 8.71
CA SER H 65 26.31 6.45 9.72
CA SER H 65 26.30 6.46 9.70
C SER H 65 27.25 7.64 9.98
N GLN H 66 28.54 7.50 9.66
CA GLN H 66 29.59 8.54 9.88
C GLN H 66 29.56 9.58 8.77
N ARG H 67 28.99 9.25 7.61
CA ARG H 67 28.98 10.13 6.42
C ARG H 67 27.94 11.24 6.56
N ARG H 68 28.18 12.34 5.85
CA ARG H 68 27.19 13.42 5.67
C ARG H 68 27.25 13.88 4.21
N VAL H 69 26.14 14.44 3.73
CA VAL H 69 26.07 15.08 2.39
C VAL H 69 26.84 16.41 2.49
N ASP H 70 27.91 16.55 1.71
CA ASP H 70 28.79 17.75 1.70
C ASP H 70 28.36 18.68 0.56
N PHE H 71 28.12 18.12 -0.63
CA PHE H 71 27.70 18.84 -1.86
C PHE H 71 26.44 18.19 -2.44
N CYS H 72 25.47 19.02 -2.83
CA CYS H 72 24.18 18.59 -3.40
C CYS H 72 23.46 19.81 -3.99
N LYS H 73 22.71 19.63 -5.08
CA LYS H 73 21.96 20.70 -5.78
C LYS H 73 20.81 21.17 -4.88
N ASP H 74 20.15 20.23 -4.20
CA ASP H 74 19.14 20.50 -3.15
C ASP H 74 19.90 20.94 -1.89
N PRO H 75 19.84 22.24 -1.51
CA PRO H 75 20.62 22.73 -0.37
C PRO H 75 20.12 22.17 0.98
N SER H 76 18.88 21.70 1.03
CA SER H 76 18.24 21.11 2.23
C SER H 76 18.78 19.70 2.52
N ALA H 77 19.49 19.09 1.56
CA ALA H 77 20.13 17.77 1.70
C ALA H 77 21.51 17.93 2.37
N ILE H 78 22.08 19.12 2.37
CA ILE H 78 23.47 19.33 2.88
C ILE H 78 23.49 18.96 4.38
N GLY H 79 24.46 18.14 4.78
CA GLY H 79 24.64 17.69 6.16
C GLY H 79 23.70 16.55 6.53
N LYS H 80 22.90 16.04 5.59
CA LYS H 80 21.95 14.92 5.84
C LYS H 80 22.69 13.57 5.95
N LYS H 81 21.99 12.56 6.46
CA LYS H 81 22.59 11.31 6.99
C LYS H 81 21.87 10.09 6.40
N GLN H 82 22.43 8.92 6.68
CA GLN H 82 21.98 7.61 6.15
C GLN H 82 22.48 6.54 7.11
N VAL H 83 21.57 5.65 7.54
CA VAL H 83 21.91 4.33 8.14
C VAL H 83 21.38 3.26 7.20
N PRO H 84 22.17 2.20 6.86
CA PRO H 84 21.64 1.07 6.12
C PRO H 84 20.80 0.20 7.07
N CYS H 85 20.23 -0.87 6.53
CA CYS H 85 19.35 -1.81 7.28
C CYS H 85 19.51 -3.20 6.67
N PHE H 86 19.89 -4.21 7.46
CA PHE H 86 19.84 -5.62 7.00
C PHE H 86 18.78 -6.36 7.81
N ALA H 87 18.03 -7.23 7.13
CA ALA H 87 16.96 -8.07 7.68
C ALA H 87 17.37 -9.53 7.57
N SER H 88 17.61 -10.19 8.70
CA SER H 88 18.16 -11.55 8.76
C SER H 88 17.05 -12.56 9.06
N MET H 89 16.91 -13.54 8.15
CA MET H 89 16.13 -14.78 8.41
CA MET H 89 16.12 -14.79 8.33
C MET H 89 17.10 -15.97 8.42
N LEU H 90 18.39 -15.69 8.66
CA LEU H 90 19.47 -16.70 8.81
C LEU H 90 19.31 -17.43 10.14
N THR H 91 19.75 -18.70 10.17
CA THR H 91 19.57 -19.63 11.31
C THR H 91 20.93 -20.04 11.88
N LYS H 92 22.03 -19.58 11.25
CA LYS H 92 23.41 -19.94 11.65
C LYS H 92 24.36 -18.75 11.37
N LYS H 93 25.58 -18.90 11.85
CA LYS H 93 26.74 -18.01 11.56
C LYS H 93 27.19 -18.23 10.11
N LEU H 94 27.47 -17.12 9.43
CA LEU H 94 27.88 -17.07 8.01
C LEU H 94 29.28 -16.48 7.93
N HIS H 95 30.27 -17.29 7.54
CA HIS H 95 31.67 -16.88 7.27
C HIS H 95 32.02 -17.21 5.81
N PHE H 96 32.89 -16.39 5.23
CA PHE H 96 33.48 -16.60 3.90
C PHE H 96 34.99 -16.84 4.06
N PHE H 97 35.37 -17.87 4.85
CA PHE H 97 36.79 -18.28 5.04
C PHE H 97 37.36 -18.68 3.69
N PRO H 98 38.68 -18.46 3.44
CA PRO H 98 39.31 -18.85 2.19
C PRO H 98 39.03 -20.35 1.92
N LYS H 99 38.76 -20.68 0.66
CA LYS H 99 38.30 -22.02 0.22
C LYS H 99 39.50 -22.91 -0.08
N SER H 100 39.37 -24.21 0.17
CA SER H 100 40.39 -25.27 -0.09
C SER H 100 40.22 -25.82 -1.51
#